data_6XCS
#
_entry.id   6XCS
#
_cell.length_a   95.367
_cell.length_b   74.214
_cell.length_c   129.290
_cell.angle_alpha   90.000
_cell.angle_beta   96.498
_cell.angle_gamma   90.000
#
_symmetry.space_group_name_H-M   'C 1 2 1'
#
loop_
_entity.id
_entity.type
_entity.pdbx_description
1 polymer EreC
2 water water
#
_entity_poly.entity_id   1
_entity_poly.type   'polypeptide(L)'
_entity_poly.pdbx_seq_one_letter_code
;(MSE)GSSHHHHHHSSGLVPRGSH(MSE)TA(MSE)SAKAKK(MSE)TWRTTRTLLQPQKLDFNEFEILTPLVEGARIVG
LGEGAHFVAEFSLARASLIRYLVERHDFNAIGLECGAIQASRLSEYLNSTAGAHELERFSDPLTFSLYGSVLIWIKSYLR
ESGRKLQLVGIDLPNTLNPRDDLAQLAEIIKVIDHLIKPHVDELTHLLASIDGQSAVISSAKWGE(MSE)ETAQQEKAIS
GVTRLKLRLASLAPVLKKHVNSDLFRKASDRIESIEYTLETLRI(MSE)RTFFDGTSLEGDTSVRDSY(MSE)AGVVDR
(MSE)VRANPDVKIILLAHNNNLQKTPVSFSGELTAVP(MSE)GQHLAEREEEDYRAIAFTHLGSTVPE(MSE)QFPSPG
SPLGFSVVTTPADAIREDS(MSE)EQYIIDACGTEDSCLTLTDAP(MSE)KAKR(MSE)RSQSASVETNLSEAFDAIVCV
PSAGKDGLVDL
;
_entity_poly.pdbx_strand_id   A,B
#
# COMPACT_ATOMS: atom_id res chain seq x y z
N LYS A 30 -26.35 -15.29 -31.63
CA LYS A 30 -27.35 -15.33 -30.57
C LYS A 30 -26.73 -15.81 -29.25
N MSE A 31 -27.48 -15.69 -28.15
CA MSE A 31 -26.91 -15.93 -26.82
C MSE A 31 -27.38 -17.20 -26.13
O MSE A 31 -28.19 -17.95 -26.67
CB MSE A 31 -27.22 -14.76 -25.89
CG MSE A 31 -27.33 -13.43 -26.58
SE MSE A 31 -26.58 -12.09 -25.42
CE MSE A 31 -27.93 -11.99 -24.01
N THR A 32 -26.86 -17.42 -24.92
CA THR A 32 -27.37 -18.45 -24.02
C THR A 32 -28.31 -17.77 -23.03
N TRP A 33 -29.61 -17.98 -23.19
CA TRP A 33 -30.57 -17.49 -22.20
C TRP A 33 -31.44 -18.62 -21.70
N ARG A 34 -32.10 -18.38 -20.56
CA ARG A 34 -32.96 -19.36 -19.90
C ARG A 34 -33.98 -18.61 -19.06
N THR A 35 -35.26 -18.83 -19.37
CA THR A 35 -36.34 -18.39 -18.49
C THR A 35 -36.27 -19.12 -17.16
N THR A 36 -36.31 -18.37 -16.07
CA THR A 36 -36.29 -18.96 -14.73
C THR A 36 -37.54 -18.46 -14.03
N ARG A 37 -38.53 -19.36 -13.92
CA ARG A 37 -39.80 -18.94 -13.36
C ARG A 37 -39.70 -18.85 -11.84
N THR A 38 -38.98 -19.78 -11.22
CA THR A 38 -38.87 -19.84 -9.77
C THR A 38 -37.89 -18.82 -9.20
N LEU A 39 -37.22 -18.04 -10.05
CA LEU A 39 -36.13 -17.20 -9.58
C LEU A 39 -36.58 -16.27 -8.46
N LEU A 40 -37.82 -15.80 -8.51
CA LEU A 40 -38.33 -14.87 -7.52
C LEU A 40 -39.02 -15.58 -6.35
N GLN A 41 -38.77 -16.88 -6.17
CA GLN A 41 -39.38 -17.66 -5.09
C GLN A 41 -38.32 -18.52 -4.41
N PRO A 42 -37.56 -17.94 -3.48
CA PRO A 42 -36.51 -18.72 -2.77
C PRO A 42 -36.98 -20.05 -2.23
N GLN A 43 -38.20 -20.10 -1.69
CA GLN A 43 -38.70 -21.31 -1.05
C GLN A 43 -38.90 -22.45 -2.05
N LYS A 44 -39.42 -22.15 -3.24
CA LYS A 44 -39.76 -23.15 -4.25
C LYS A 44 -38.86 -22.93 -5.46
N LEU A 45 -37.65 -23.50 -5.44
CA LEU A 45 -36.66 -23.20 -6.45
C LEU A 45 -36.33 -24.43 -7.30
N ASP A 46 -36.16 -24.22 -8.61
CA ASP A 46 -35.66 -25.24 -9.53
C ASP A 46 -34.23 -24.90 -9.94
N PHE A 47 -33.27 -25.64 -9.38
CA PHE A 47 -31.86 -25.37 -9.66
C PHE A 47 -31.44 -25.72 -11.08
N ASN A 48 -32.19 -26.58 -11.77
CA ASN A 48 -31.86 -26.86 -13.16
C ASN A 48 -31.96 -25.60 -14.00
N GLU A 49 -32.91 -24.72 -13.66
CA GLU A 49 -33.03 -23.41 -14.29
C GLU A 49 -31.73 -22.62 -14.26
N PHE A 50 -30.83 -22.95 -13.32
CA PHE A 50 -29.61 -22.21 -13.12
C PHE A 50 -28.37 -22.98 -13.56
N GLU A 51 -28.54 -24.14 -14.22
CA GLU A 51 -27.34 -24.88 -14.62
C GLU A 51 -26.51 -24.11 -15.64
N ILE A 52 -27.15 -23.19 -16.38
CA ILE A 52 -26.53 -22.20 -17.26
C ILE A 52 -25.37 -21.46 -16.59
N LEU A 53 -25.39 -21.39 -15.25
CA LEU A 53 -24.39 -20.61 -14.52
C LEU A 53 -23.18 -21.43 -14.12
N THR A 54 -23.27 -22.76 -14.15
CA THR A 54 -22.11 -23.54 -13.74
C THR A 54 -20.88 -23.33 -14.60
N PRO A 55 -20.96 -23.09 -15.93
CA PRO A 55 -19.72 -22.82 -16.69
C PRO A 55 -18.90 -21.66 -16.14
N LEU A 56 -19.54 -20.59 -15.68
CA LEU A 56 -18.80 -19.43 -15.19
C LEU A 56 -18.63 -19.45 -13.67
N VAL A 57 -19.48 -20.19 -12.95
CA VAL A 57 -19.19 -20.38 -11.53
C VAL A 57 -18.01 -21.33 -11.33
N GLU A 58 -17.64 -22.07 -12.38
CA GLU A 58 -16.54 -23.01 -12.24
C GLU A 58 -15.22 -22.27 -12.09
N GLY A 59 -14.45 -22.66 -11.08
CA GLY A 59 -13.18 -22.01 -10.83
C GLY A 59 -13.29 -20.51 -10.59
N ALA A 60 -14.41 -20.07 -10.04
CA ALA A 60 -14.54 -18.71 -9.53
C ALA A 60 -14.54 -18.76 -8.01
N ARG A 61 -13.98 -17.72 -7.39
CA ARG A 61 -13.99 -17.58 -5.95
C ARG A 61 -14.76 -16.35 -5.50
N ILE A 62 -15.04 -15.44 -6.42
CA ILE A 62 -15.75 -14.20 -6.15
C ILE A 62 -16.80 -14.05 -7.22
N VAL A 63 -18.07 -14.05 -6.81
CA VAL A 63 -19.18 -13.79 -7.74
C VAL A 63 -20.05 -12.70 -7.15
N GLY A 64 -20.32 -11.67 -7.96
CA GLY A 64 -21.18 -10.59 -7.51
C GLY A 64 -22.61 -10.79 -7.96
N LEU A 65 -23.54 -10.74 -7.00
CA LEU A 65 -24.97 -10.67 -7.28
C LEU A 65 -25.39 -9.21 -7.26
N GLY A 66 -25.63 -8.65 -8.46
CA GLY A 66 -25.91 -7.24 -8.60
C GLY A 66 -27.34 -6.86 -8.23
N GLU A 67 -27.69 -5.64 -8.64
CA GLU A 67 -29.03 -5.10 -8.49
C GLU A 67 -29.04 -3.84 -9.34
N GLY A 68 -30.01 -3.71 -10.25
CA GLY A 68 -29.99 -2.54 -11.10
C GLY A 68 -30.25 -1.27 -10.33
N ALA A 69 -30.84 -1.39 -9.16
CA ALA A 69 -31.12 -0.24 -8.32
C ALA A 69 -31.28 -0.75 -6.90
N HIS A 70 -30.85 0.06 -5.95
CA HIS A 70 -31.08 -0.25 -4.54
C HIS A 70 -32.59 -0.27 -4.27
N PHE A 71 -32.99 -1.05 -3.25
CA PHE A 71 -34.28 -1.00 -2.58
C PHE A 71 -35.42 -1.67 -3.34
N VAL A 72 -35.06 -2.64 -4.20
CA VAL A 72 -35.97 -3.30 -5.13
C VAL A 72 -36.27 -4.69 -4.60
N ALA A 73 -37.56 -4.98 -4.41
CA ALA A 73 -37.98 -6.23 -3.78
C ALA A 73 -37.63 -7.45 -4.64
N GLU A 74 -37.90 -7.38 -5.94
CA GLU A 74 -37.57 -8.47 -6.85
C GLU A 74 -36.08 -8.76 -6.81
N PHE A 75 -35.26 -7.72 -6.70
CA PHE A 75 -33.82 -7.94 -6.61
C PHE A 75 -33.42 -8.63 -5.30
N SER A 76 -34.12 -8.38 -4.18
CA SER A 76 -33.76 -9.15 -2.98
C SER A 76 -34.17 -10.60 -3.13
N LEU A 77 -35.32 -10.83 -3.77
CA LEU A 77 -35.80 -12.21 -3.98
C LEU A 77 -34.84 -12.98 -4.86
N ALA A 78 -34.44 -12.36 -5.98
CA ALA A 78 -33.46 -12.98 -6.87
C ALA A 78 -32.14 -13.21 -6.15
N ARG A 79 -31.71 -12.24 -5.33
CA ARG A 79 -30.44 -12.40 -4.62
C ARG A 79 -30.51 -13.58 -3.68
N ALA A 80 -31.62 -13.73 -2.97
CA ALA A 80 -31.72 -14.86 -2.05
C ALA A 80 -31.75 -16.18 -2.82
N SER A 81 -32.38 -16.19 -3.99
CA SER A 81 -32.44 -17.46 -4.70
C SER A 81 -31.06 -17.83 -5.24
N LEU A 82 -30.35 -16.86 -5.82
CA LEU A 82 -29.01 -17.15 -6.30
C LEU A 82 -28.03 -17.39 -5.16
N ILE A 83 -28.24 -16.78 -3.99
CA ILE A 83 -27.43 -17.13 -2.84
C ILE A 83 -27.59 -18.60 -2.53
N ARG A 84 -28.84 -19.06 -2.45
CA ARG A 84 -29.10 -20.44 -2.12
C ARG A 84 -28.54 -21.38 -3.19
N TYR A 85 -28.57 -20.95 -4.46
CA TYR A 85 -27.98 -21.76 -5.52
C TYR A 85 -26.46 -21.86 -5.37
N LEU A 86 -25.78 -20.71 -5.27
CA LEU A 86 -24.33 -20.71 -5.16
C LEU A 86 -23.85 -21.48 -3.94
N VAL A 87 -24.52 -21.31 -2.81
CA VAL A 87 -24.18 -22.05 -1.61
C VAL A 87 -24.37 -23.54 -1.90
N GLU A 88 -25.62 -23.97 -2.10
CA GLU A 88 -25.94 -25.38 -2.06
C GLU A 88 -25.40 -26.17 -3.23
N ARG A 89 -24.97 -25.53 -4.30
CA ARG A 89 -24.44 -26.28 -5.43
C ARG A 89 -23.00 -25.94 -5.74
N HIS A 90 -22.42 -24.93 -5.08
CA HIS A 90 -21.07 -24.50 -5.41
C HIS A 90 -20.25 -24.11 -4.18
N ASP A 91 -20.77 -24.38 -2.98
CA ASP A 91 -20.01 -24.31 -1.73
C ASP A 91 -19.53 -22.89 -1.42
N PHE A 92 -20.36 -21.89 -1.69
CA PHE A 92 -20.01 -20.54 -1.29
C PHE A 92 -20.29 -20.35 0.19
N ASN A 93 -19.32 -19.83 0.94
CA ASN A 93 -19.43 -19.80 2.39
C ASN A 93 -19.39 -18.41 3.01
N ALA A 94 -19.15 -17.37 2.22
CA ALA A 94 -19.18 -16.00 2.71
C ALA A 94 -20.05 -15.12 1.82
N ILE A 95 -20.57 -14.05 2.42
CA ILE A 95 -21.42 -13.06 1.79
C ILE A 95 -20.78 -11.70 2.03
N GLY A 96 -20.57 -10.94 0.97
CA GLY A 96 -19.98 -9.61 1.08
C GLY A 96 -21.04 -8.53 0.99
N LEU A 97 -20.98 -7.59 1.93
CA LEU A 97 -21.98 -6.54 2.04
C LEU A 97 -21.34 -5.16 1.96
N GLU A 98 -22.10 -4.19 1.44
CA GLU A 98 -21.71 -2.77 1.41
C GLU A 98 -21.89 -2.15 2.80
N CYS A 99 -21.11 -2.65 3.74
CA CYS A 99 -21.05 -2.12 5.11
C CYS A 99 -19.63 -2.27 5.60
N GLY A 100 -19.21 -1.37 6.48
CA GLY A 100 -17.97 -1.57 7.22
C GLY A 100 -17.92 -2.88 7.97
N ALA A 101 -16.69 -3.29 8.34
CA ALA A 101 -16.46 -4.60 8.94
C ALA A 101 -16.96 -4.69 10.38
N ILE A 102 -17.13 -3.55 11.06
CA ILE A 102 -17.74 -3.58 12.39
C ILE A 102 -19.26 -3.66 12.29
N GLN A 103 -19.85 -2.96 11.32
CA GLN A 103 -21.25 -3.16 10.96
C GLN A 103 -21.53 -4.64 10.67
N ALA A 104 -20.67 -5.26 9.85
CA ALA A 104 -20.83 -6.69 9.52
C ALA A 104 -20.68 -7.58 10.73
N SER A 105 -19.80 -7.24 11.68
CA SER A 105 -19.70 -8.15 12.82
C SER A 105 -20.94 -8.06 13.70
N ARG A 106 -21.58 -6.87 13.78
CA ARG A 106 -22.88 -6.81 14.46
C ARG A 106 -23.98 -7.58 13.71
N LEU A 107 -23.95 -7.55 12.37
CA LEU A 107 -24.91 -8.40 11.65
C LEU A 107 -24.68 -9.88 11.96
N SER A 108 -23.43 -10.30 12.14
CA SER A 108 -23.23 -11.73 12.42
C SER A 108 -23.70 -12.08 13.84
N GLU A 109 -23.62 -11.13 14.78
CA GLU A 109 -24.33 -11.29 16.04
C GLU A 109 -25.84 -11.49 15.82
N TYR A 110 -26.46 -10.64 15.01
CA TYR A 110 -27.88 -10.82 14.68
C TYR A 110 -28.15 -12.21 14.11
N LEU A 111 -27.27 -12.70 13.25
CA LEU A 111 -27.51 -13.99 12.61
C LEU A 111 -27.46 -15.12 13.61
N ASN A 112 -26.33 -15.27 14.33
CA ASN A 112 -26.19 -16.42 15.24
C ASN A 112 -27.05 -16.33 16.49
N SER A 113 -27.59 -15.15 16.82
CA SER A 113 -28.28 -15.05 18.08
C SER A 113 -29.70 -15.56 17.92
N THR A 114 -29.99 -16.67 18.60
CA THR A 114 -31.34 -17.19 18.77
C THR A 114 -31.90 -16.78 20.14
N ALA A 115 -31.36 -15.71 20.70
CA ALA A 115 -31.72 -15.20 22.01
C ALA A 115 -33.02 -14.41 21.93
N GLY A 116 -33.45 -13.87 23.06
CA GLY A 116 -34.68 -13.11 23.09
C GLY A 116 -34.48 -11.76 22.43
N ALA A 117 -35.53 -11.31 21.74
CA ALA A 117 -35.55 -10.02 21.02
C ALA A 117 -34.33 -9.85 20.12
N HIS A 118 -33.99 -10.91 19.39
CA HIS A 118 -32.90 -10.83 18.42
C HIS A 118 -33.34 -10.20 17.09
N GLU A 119 -34.10 -9.10 17.14
CA GLU A 119 -34.56 -8.41 15.93
C GLU A 119 -33.41 -7.67 15.26
N LEU A 120 -33.51 -7.53 13.92
CA LEU A 120 -32.44 -6.88 13.16
C LEU A 120 -32.28 -5.40 13.49
N GLU A 121 -33.37 -4.73 13.88
CA GLU A 121 -33.29 -3.31 14.20
C GLU A 121 -32.30 -3.01 15.33
N ARG A 122 -31.86 -4.02 16.08
CA ARG A 122 -30.94 -3.80 17.19
C ARG A 122 -29.49 -4.11 16.83
N PHE A 123 -29.25 -4.70 15.66
CA PHE A 123 -27.92 -5.05 15.20
C PHE A 123 -27.63 -4.43 13.85
N SER A 124 -28.39 -3.42 13.45
CA SER A 124 -28.11 -2.75 12.19
C SER A 124 -28.40 -1.28 12.37
N ASP A 125 -27.99 -0.51 11.38
CA ASP A 125 -28.19 0.91 11.26
C ASP A 125 -29.19 1.18 10.15
N PRO A 126 -29.75 2.39 10.09
CA PRO A 126 -30.85 2.64 9.15
C PRO A 126 -30.53 2.27 7.72
N LEU A 127 -29.37 2.72 7.22
CA LEU A 127 -29.07 2.52 5.82
C LEU A 127 -28.75 1.06 5.51
N THR A 128 -28.07 0.38 6.44
CA THR A 128 -27.83 -1.04 6.29
C THR A 128 -29.17 -1.79 6.28
N PHE A 129 -30.02 -1.49 7.26
CA PHE A 129 -31.33 -2.09 7.34
C PHE A 129 -32.09 -1.95 6.02
N SER A 130 -32.09 -0.76 5.43
CA SER A 130 -32.85 -0.56 4.21
C SER A 130 -32.25 -1.33 3.03
N LEU A 131 -30.92 -1.27 2.88
CA LEU A 131 -30.29 -1.93 1.73
C LEU A 131 -30.40 -3.45 1.82
N TYR A 132 -30.42 -4.01 3.02
CA TYR A 132 -30.17 -5.43 3.12
C TYR A 132 -31.17 -6.17 3.99
N GLY A 133 -32.20 -5.50 4.52
CA GLY A 133 -33.09 -6.06 5.51
C GLY A 133 -33.72 -7.37 5.15
N SER A 134 -34.45 -7.39 4.04
CA SER A 134 -35.19 -8.60 3.67
C SER A 134 -34.24 -9.76 3.43
N VAL A 135 -33.11 -9.48 2.76
CA VAL A 135 -32.12 -10.52 2.54
C VAL A 135 -31.61 -11.05 3.87
N LEU A 136 -31.38 -10.15 4.83
CA LEU A 136 -30.74 -10.58 6.09
C LEU A 136 -31.71 -11.42 6.93
N ILE A 137 -32.96 -10.97 7.04
CA ILE A 137 -34.02 -11.76 7.69
C ILE A 137 -34.18 -13.11 7.00
N TRP A 138 -34.23 -13.11 5.66
CA TRP A 138 -34.32 -14.38 4.96
C TRP A 138 -33.13 -15.28 5.28
N ILE A 139 -31.91 -14.72 5.31
CA ILE A 139 -30.69 -15.50 5.55
C ILE A 139 -30.65 -16.05 6.97
N LYS A 140 -31.00 -15.21 7.96
CA LYS A 140 -31.08 -15.68 9.34
C LYS A 140 -32.00 -16.89 9.44
N SER A 141 -33.19 -16.80 8.82
CA SER A 141 -34.11 -17.93 8.93
C SER A 141 -33.70 -19.08 8.00
N TYR A 142 -32.91 -18.80 6.96
CA TYR A 142 -32.43 -19.84 6.06
C TYR A 142 -31.34 -20.68 6.71
N LEU A 143 -30.48 -20.06 7.52
CA LEU A 143 -29.44 -20.85 8.16
C LEU A 143 -29.96 -21.59 9.39
N ARG A 144 -30.98 -21.05 10.05
CA ARG A 144 -31.65 -21.77 11.14
C ARG A 144 -32.51 -22.93 10.63
N GLU A 145 -32.94 -22.89 9.38
CA GLU A 145 -33.72 -23.98 8.79
C GLU A 145 -32.86 -24.93 7.98
N SER A 146 -31.61 -24.58 7.72
CA SER A 146 -30.75 -25.40 6.90
C SER A 146 -29.45 -25.79 7.58
N GLY A 147 -29.26 -25.38 8.83
CA GLY A 147 -28.08 -25.77 9.58
C GLY A 147 -26.78 -25.28 9.01
N ARG A 148 -26.76 -24.81 7.77
CA ARG A 148 -25.56 -24.26 7.15
C ARG A 148 -25.16 -22.98 7.88
N LYS A 149 -23.88 -22.66 7.80
CA LYS A 149 -23.37 -21.46 8.44
C LYS A 149 -22.55 -20.69 7.41
N LEU A 150 -22.69 -19.37 7.44
CA LEU A 150 -22.11 -18.50 6.44
C LEU A 150 -21.39 -17.35 7.13
N GLN A 151 -20.36 -16.83 6.47
CA GLN A 151 -19.52 -15.78 7.04
C GLN A 151 -19.90 -14.45 6.40
N LEU A 152 -20.52 -13.59 7.18
CA LEU A 152 -20.79 -12.21 6.79
C LEU A 152 -19.48 -11.41 6.83
N VAL A 153 -19.18 -10.69 5.75
CA VAL A 153 -18.01 -9.82 5.70
C VAL A 153 -18.42 -8.43 5.20
N GLY A 154 -17.87 -7.39 5.83
CA GLY A 154 -18.04 -6.05 5.37
C GLY A 154 -16.88 -5.68 4.45
N ILE A 155 -17.20 -5.31 3.21
CA ILE A 155 -16.20 -5.07 2.17
C ILE A 155 -16.10 -3.59 1.84
N ASP A 156 -16.81 -2.75 2.59
CA ASP A 156 -17.01 -1.33 2.33
C ASP A 156 -16.46 -0.53 3.50
N LEU A 157 -16.38 0.78 3.32
CA LEU A 157 -16.28 1.67 4.47
C LEU A 157 -17.54 1.53 5.30
N PRO A 158 -17.51 2.00 6.56
CA PRO A 158 -18.79 2.20 7.26
C PRO A 158 -19.70 2.93 6.31
N ASN A 159 -20.90 2.37 5.98
CA ASN A 159 -21.71 3.03 4.96
C ASN A 159 -22.40 4.27 5.50
N THR A 160 -22.15 4.57 6.76
CA THR A 160 -22.46 5.84 7.38
C THR A 160 -21.32 6.84 7.29
N LEU A 161 -20.14 6.41 6.85
CA LEU A 161 -18.94 7.25 6.81
C LEU A 161 -18.68 7.92 8.15
N ASN A 162 -18.99 7.20 9.22
CA ASN A 162 -18.70 7.64 10.58
C ASN A 162 -17.52 6.83 11.07
N PRO A 163 -16.36 7.45 11.33
CA PRO A 163 -15.15 6.70 11.70
C PRO A 163 -15.01 6.37 13.18
N ARG A 164 -16.02 6.67 14.01
CA ARG A 164 -15.90 6.46 15.46
C ARG A 164 -15.63 5.01 15.82
N ASP A 165 -16.37 4.07 15.21
CA ASP A 165 -16.14 2.66 15.54
C ASP A 165 -14.74 2.23 15.17
N ASP A 166 -14.33 2.54 13.95
CA ASP A 166 -12.99 2.23 13.52
C ASP A 166 -11.96 2.85 14.45
N LEU A 167 -12.18 4.10 14.85
CA LEU A 167 -11.23 4.81 15.69
C LEU A 167 -11.15 4.21 17.09
N ALA A 168 -12.29 3.84 17.67
CA ALA A 168 -12.30 3.31 19.03
C ALA A 168 -11.68 1.91 19.07
N GLN A 169 -11.97 1.08 18.06
CA GLN A 169 -11.32 -0.23 18.05
C GLN A 169 -9.83 -0.11 17.75
N LEU A 170 -9.45 0.86 16.90
CA LEU A 170 -8.02 1.08 16.67
C LEU A 170 -7.33 1.51 17.96
N ALA A 171 -7.94 2.43 18.72
CA ALA A 171 -7.34 2.88 19.98
C ALA A 171 -7.17 1.71 20.93
N GLU A 172 -8.16 0.81 20.98
CA GLU A 172 -8.04 -0.36 21.84
C GLU A 172 -6.95 -1.32 21.38
N ILE A 173 -6.70 -1.41 20.07
CA ILE A 173 -5.64 -2.32 19.63
C ILE A 173 -4.27 -1.71 19.90
N ILE A 174 -4.12 -0.41 19.65
CA ILE A 174 -2.78 0.15 19.76
C ILE A 174 -2.41 0.33 21.23
N LYS A 175 -3.40 0.49 22.13
CA LYS A 175 -3.06 0.53 23.54
C LYS A 175 -2.27 -0.71 23.94
N VAL A 176 -2.52 -1.84 23.28
CA VAL A 176 -1.70 -3.04 23.48
C VAL A 176 -0.42 -2.96 22.64
N ILE A 177 -0.54 -2.69 21.34
CA ILE A 177 0.58 -2.93 20.43
C ILE A 177 1.42 -1.68 20.11
N ASP A 178 1.00 -0.49 20.52
CA ASP A 178 1.85 0.68 20.34
C ASP A 178 1.35 1.83 21.18
N HIS A 179 1.35 1.68 22.51
CA HIS A 179 0.69 2.64 23.38
C HIS A 179 1.16 4.07 23.16
N LEU A 180 2.41 4.24 22.72
CA LEU A 180 2.99 5.58 22.59
C LEU A 180 2.19 6.49 21.64
N ILE A 181 1.33 5.94 20.78
CA ILE A 181 0.52 6.74 19.86
C ILE A 181 -0.98 6.52 20.12
N LYS A 182 -1.33 6.04 21.32
CA LYS A 182 -2.68 6.22 21.81
C LYS A 182 -3.09 7.68 21.95
N PRO A 183 -2.25 8.60 22.44
CA PRO A 183 -2.65 10.02 22.44
C PRO A 183 -3.14 10.50 21.09
N HIS A 184 -2.33 10.32 20.04
CA HIS A 184 -2.70 10.84 18.73
C HIS A 184 -4.04 10.29 18.28
N VAL A 185 -4.21 8.95 18.38
CA VAL A 185 -5.49 8.34 18.05
C VAL A 185 -6.61 9.07 18.77
N ASP A 186 -6.48 9.19 20.09
CA ASP A 186 -7.51 9.86 20.87
C ASP A 186 -7.79 11.26 20.34
N GLU A 187 -6.73 12.03 20.08
CA GLU A 187 -6.95 13.39 19.60
C GLU A 187 -7.67 13.33 18.26
N LEU A 188 -7.26 12.39 17.41
CA LEU A 188 -7.93 12.20 16.14
C LEU A 188 -9.41 11.98 16.34
N THR A 189 -9.78 11.12 17.29
CA THR A 189 -11.22 10.85 17.43
C THR A 189 -11.96 12.06 18.00
N HIS A 190 -11.28 12.93 18.76
CA HIS A 190 -11.92 14.18 19.14
C HIS A 190 -12.04 15.09 17.93
N LEU A 191 -11.01 15.09 17.09
CA LEU A 191 -11.03 15.93 15.89
C LEU A 191 -12.13 15.50 14.94
N LEU A 192 -12.55 14.23 14.97
CA LEU A 192 -13.56 13.71 14.05
C LEU A 192 -14.86 13.36 14.76
N ALA A 193 -14.98 13.67 16.05
CA ALA A 193 -16.19 13.29 16.78
C ALA A 193 -17.43 13.95 16.18
N SER A 194 -17.25 15.09 15.51
CA SER A 194 -18.30 15.81 14.81
C SER A 194 -18.94 15.04 13.67
N ILE A 195 -18.35 13.91 13.25
CA ILE A 195 -18.84 13.19 12.07
C ILE A 195 -19.68 11.99 12.51
N ASP A 196 -20.97 12.24 12.81
CA ASP A 196 -21.86 11.26 13.45
C ASP A 196 -23.08 10.93 12.60
N GLY A 197 -23.02 11.18 11.29
CA GLY A 197 -24.16 10.93 10.43
C GLY A 197 -24.56 9.48 10.41
N GLN A 198 -25.75 9.24 9.87
CA GLN A 198 -26.28 7.89 9.67
C GLN A 198 -26.36 7.53 8.20
N SER A 199 -25.97 8.47 7.35
CA SER A 199 -25.86 8.32 5.91
C SER A 199 -24.54 8.91 5.45
N ALA A 200 -24.17 8.58 4.21
CA ALA A 200 -23.02 9.23 3.58
C ALA A 200 -23.23 10.73 3.43
N VAL A 201 -24.45 11.18 3.12
CA VAL A 201 -24.64 12.60 2.81
C VAL A 201 -24.64 13.44 4.09
N ILE A 202 -25.18 12.91 5.19
CA ILE A 202 -25.21 13.72 6.41
C ILE A 202 -23.82 13.82 7.03
N SER A 203 -23.05 12.73 7.03
CA SER A 203 -21.68 12.87 7.51
C SER A 203 -20.88 13.73 6.54
N SER A 204 -21.17 13.64 5.25
N SER A 204 -21.17 13.64 5.25
CA SER A 204 -20.55 14.54 4.28
CA SER A 204 -20.54 14.53 4.28
C SER A 204 -20.80 16.00 4.64
C SER A 204 -20.80 16.00 4.64
N ALA A 205 -22.06 16.33 4.93
CA ALA A 205 -22.41 17.69 5.30
C ALA A 205 -21.75 18.13 6.59
N LYS A 206 -21.56 17.20 7.55
CA LYS A 206 -20.87 17.61 8.77
C LYS A 206 -19.36 17.64 8.59
N TRP A 207 -18.87 17.02 7.52
CA TRP A 207 -17.46 17.13 7.17
C TRP A 207 -17.19 18.47 6.51
N GLY A 208 -18.08 18.91 5.63
CA GLY A 208 -17.95 20.23 5.05
C GLY A 208 -18.16 21.36 6.03
N GLU A 209 -18.54 21.04 7.27
CA GLU A 209 -18.75 22.02 8.32
C GLU A 209 -17.51 22.30 9.13
N MSE A 210 -16.52 21.40 9.10
CA MSE A 210 -15.22 21.65 9.71
C MSE A 210 -14.49 22.67 8.84
O MSE A 210 -14.58 22.57 7.62
CB MSE A 210 -14.41 20.37 9.82
CG MSE A 210 -15.05 19.26 10.65
SE MSE A 210 -14.16 17.57 10.21
CE MSE A 210 -14.38 16.67 11.91
N GLU A 211 -13.79 23.64 9.41
CA GLU A 211 -12.77 24.34 8.63
C GLU A 211 -11.56 23.47 8.25
N THR A 212 -11.10 23.74 7.01
CA THR A 212 -10.17 22.92 6.22
C THR A 212 -8.86 22.65 6.94
N ALA A 213 -8.41 23.56 7.78
CA ALA A 213 -7.22 23.26 8.55
C ALA A 213 -7.45 22.00 9.39
N GLN A 214 -8.65 21.84 9.95
CA GLN A 214 -8.93 20.66 10.75
C GLN A 214 -9.09 19.41 9.87
N GLN A 215 -9.71 19.55 8.70
CA GLN A 215 -9.81 18.41 7.79
C GLN A 215 -8.44 17.90 7.42
N GLU A 216 -7.53 18.83 7.07
CA GLU A 216 -6.17 18.49 6.71
C GLU A 216 -5.42 17.89 7.89
N LYS A 217 -5.63 18.44 9.08
CA LYS A 217 -5.00 17.86 10.26
C LYS A 217 -5.38 16.40 10.41
N ALA A 218 -6.67 16.09 10.25
CA ALA A 218 -7.13 14.71 10.38
C ALA A 218 -6.52 13.80 9.32
N ILE A 219 -6.57 14.23 8.05
CA ILE A 219 -6.07 13.40 6.95
C ILE A 219 -4.58 13.14 7.10
N SER A 220 -3.81 14.19 7.42
CA SER A 220 -2.38 14.00 7.57
C SER A 220 -2.06 13.15 8.80
N GLY A 221 -2.83 13.29 9.88
CA GLY A 221 -2.58 12.46 11.04
C GLY A 221 -2.83 10.98 10.76
N VAL A 222 -3.83 10.70 9.92
CA VAL A 222 -4.08 9.31 9.56
C VAL A 222 -2.96 8.76 8.70
N THR A 223 -2.51 9.55 7.70
CA THR A 223 -1.36 9.10 6.92
C THR A 223 -0.13 8.84 7.77
N ARG A 224 0.15 9.73 8.75
CA ARG A 224 1.29 9.53 9.66
C ARG A 224 1.13 8.23 10.44
N LEU A 225 -0.08 7.95 10.90
CA LEU A 225 -0.34 6.73 11.66
C LEU A 225 -0.08 5.51 10.80
N LYS A 226 -0.61 5.52 9.58
CA LYS A 226 -0.47 4.38 8.69
C LYS A 226 0.99 4.10 8.39
N LEU A 227 1.80 5.17 8.24
CA LEU A 227 3.23 4.98 7.95
C LEU A 227 4.00 4.47 9.17
N ARG A 228 3.73 5.02 10.36
CA ARG A 228 4.42 4.48 11.51
C ARG A 228 4.11 2.98 11.68
N LEU A 229 2.84 2.62 11.48
CA LEU A 229 2.43 1.24 11.68
C LEU A 229 3.05 0.32 10.63
N ALA A 230 3.01 0.74 9.37
CA ALA A 230 3.63 -0.06 8.31
C ALA A 230 5.10 -0.24 8.57
N SER A 231 5.76 0.79 9.11
CA SER A 231 7.19 0.71 9.30
C SER A 231 7.57 -0.12 10.52
N LEU A 232 6.71 -0.17 11.55
CA LEU A 232 7.01 -0.95 12.75
C LEU A 232 6.48 -2.38 12.70
N ALA A 233 5.68 -2.72 11.68
CA ALA A 233 5.04 -4.03 11.49
C ALA A 233 5.84 -5.23 12.01
N PRO A 234 7.13 -5.35 11.66
CA PRO A 234 7.89 -6.51 12.16
C PRO A 234 7.92 -6.65 13.68
N VAL A 235 7.83 -5.57 14.45
CA VAL A 235 7.84 -5.74 15.91
C VAL A 235 6.42 -5.63 16.49
N LEU A 236 5.53 -4.89 15.81
CA LEU A 236 4.17 -4.82 16.34
C LEU A 236 3.44 -6.14 16.17
N LYS A 237 3.78 -6.91 15.11
CA LYS A 237 3.25 -8.26 14.97
C LYS A 237 3.60 -9.13 16.17
N LYS A 238 4.76 -8.89 16.78
CA LYS A 238 5.31 -9.70 17.87
C LYS A 238 4.74 -9.35 19.26
N HIS A 239 3.70 -8.52 19.37
CA HIS A 239 3.08 -8.23 20.66
C HIS A 239 1.67 -8.81 20.70
N VAL A 240 1.37 -9.58 21.75
CA VAL A 240 0.04 -10.16 22.04
C VAL A 240 -0.35 -11.22 21.00
N ASN A 241 -0.81 -10.79 19.83
CA ASN A 241 -1.12 -11.70 18.73
C ASN A 241 -0.80 -10.99 17.42
N SER A 242 -0.26 -11.73 16.44
CA SER A 242 -0.04 -11.19 15.10
C SER A 242 -1.28 -10.55 14.51
N ASP A 243 -2.48 -10.98 14.91
CA ASP A 243 -3.70 -10.48 14.29
C ASP A 243 -4.12 -9.10 14.79
N LEU A 244 -3.61 -8.65 15.95
CA LEU A 244 -3.97 -7.30 16.37
C LEU A 244 -3.38 -6.24 15.44
N PHE A 245 -2.18 -6.51 14.89
CA PHE A 245 -1.62 -5.56 13.94
C PHE A 245 -2.41 -5.61 12.63
N ARG A 246 -2.82 -6.80 12.21
CA ARG A 246 -3.64 -6.89 11.02
C ARG A 246 -4.92 -6.10 11.17
N LYS A 247 -5.55 -6.20 12.34
CA LYS A 247 -6.80 -5.47 12.58
C LYS A 247 -6.55 -3.97 12.65
N ALA A 248 -5.45 -3.54 13.30
CA ALA A 248 -5.11 -2.13 13.34
C ALA A 248 -4.90 -1.57 11.94
N SER A 249 -4.27 -2.35 11.07
CA SER A 249 -4.05 -1.82 9.72
C SER A 249 -5.36 -1.76 8.94
N ASP A 250 -6.23 -2.76 9.10
CA ASP A 250 -7.55 -2.69 8.47
C ASP A 250 -8.33 -1.47 8.95
N ARG A 251 -8.34 -1.24 10.26
CA ARG A 251 -9.03 -0.05 10.77
C ARG A 251 -8.42 1.24 10.21
N ILE A 252 -7.09 1.31 10.09
CA ILE A 252 -6.49 2.55 9.57
C ILE A 252 -6.84 2.73 8.11
N GLU A 253 -6.86 1.63 7.35
CA GLU A 253 -7.25 1.73 5.94
C GLU A 253 -8.68 2.24 5.83
N SER A 254 -9.58 1.65 6.61
CA SER A 254 -10.97 2.09 6.65
C SER A 254 -11.08 3.59 6.94
N ILE A 255 -10.31 4.09 7.92
CA ILE A 255 -10.44 5.50 8.30
C ILE A 255 -9.90 6.40 7.20
N GLU A 256 -8.73 6.05 6.66
CA GLU A 256 -8.14 6.86 5.61
C GLU A 256 -9.11 7.01 4.44
N TYR A 257 -9.64 5.89 3.96
CA TYR A 257 -10.59 5.98 2.83
C TYR A 257 -11.91 6.61 3.23
N THR A 258 -12.33 6.50 4.48
CA THR A 258 -13.53 7.20 4.91
C THR A 258 -13.34 8.71 4.81
N LEU A 259 -12.23 9.21 5.31
CA LEU A 259 -12.03 10.66 5.25
C LEU A 259 -11.86 11.13 3.83
N GLU A 260 -11.24 10.32 2.98
CA GLU A 260 -11.07 10.77 1.59
C GLU A 260 -12.37 10.70 0.81
N THR A 261 -13.27 9.77 1.17
CA THR A 261 -14.60 9.77 0.56
C THR A 261 -15.42 10.96 1.04
N LEU A 262 -15.28 11.34 2.31
CA LEU A 262 -15.99 12.52 2.79
C LEU A 262 -15.53 13.77 2.06
N ARG A 263 -14.22 13.91 1.87
CA ARG A 263 -13.69 15.02 1.08
C ARG A 263 -14.22 14.98 -0.35
N ILE A 264 -14.07 13.84 -1.03
CA ILE A 264 -14.46 13.74 -2.43
C ILE A 264 -15.93 14.08 -2.58
N MSE A 265 -16.75 13.70 -1.59
CA MSE A 265 -18.17 13.96 -1.66
C MSE A 265 -18.51 15.41 -1.33
O MSE A 265 -19.45 15.97 -1.90
CB MSE A 265 -18.92 13.03 -0.74
CG MSE A 265 -19.15 11.65 -1.33
SE MSE A 265 -20.30 10.68 -0.08
CE MSE A 265 -19.67 11.56 1.51
N ARG A 266 -17.76 16.02 -0.41
CA ARG A 266 -17.97 17.45 -0.18
C ARG A 266 -17.68 18.25 -1.43
N THR A 267 -16.72 17.80 -2.26
CA THR A 267 -16.47 18.48 -3.53
C THR A 267 -17.47 18.12 -4.62
N PHE A 268 -18.16 16.98 -4.52
CA PHE A 268 -19.14 16.63 -5.53
C PHE A 268 -20.28 17.65 -5.55
N PHE A 269 -20.80 17.98 -4.36
CA PHE A 269 -21.75 19.07 -4.20
C PHE A 269 -21.07 20.42 -3.99
N ASP A 270 -19.83 20.59 -4.48
CA ASP A 270 -19.16 21.87 -4.49
C ASP A 270 -18.63 22.28 -5.85
N GLY A 271 -18.76 21.43 -6.88
CA GLY A 271 -18.26 21.71 -8.21
C GLY A 271 -16.76 21.53 -8.41
N THR A 272 -16.02 21.19 -7.35
CA THR A 272 -14.61 20.82 -7.48
C THR A 272 -14.41 19.31 -7.68
N SER A 273 -15.42 18.62 -8.17
CA SER A 273 -15.38 17.17 -8.33
C SER A 273 -14.66 16.84 -9.63
N LEU A 274 -13.37 16.52 -9.52
CA LEU A 274 -12.60 16.08 -10.68
C LEU A 274 -13.11 14.74 -11.18
N GLU A 275 -13.25 14.64 -12.50
CA GLU A 275 -13.66 13.39 -13.14
C GLU A 275 -12.87 12.22 -12.59
N GLY A 276 -13.59 11.18 -12.16
CA GLY A 276 -12.96 9.96 -11.71
C GLY A 276 -12.86 9.76 -10.21
N ASP A 277 -12.98 10.84 -9.40
CA ASP A 277 -12.80 10.72 -7.95
C ASP A 277 -13.64 9.60 -7.31
N THR A 278 -14.85 9.35 -7.83
CA THR A 278 -15.74 8.34 -7.27
C THR A 278 -15.14 6.93 -7.29
N SER A 279 -14.02 6.72 -7.99
CA SER A 279 -13.37 5.41 -8.04
C SER A 279 -12.77 5.04 -6.70
N VAL A 280 -12.54 6.04 -5.85
CA VAL A 280 -11.77 5.79 -4.64
C VAL A 280 -12.47 4.77 -3.75
N ARG A 281 -13.73 5.01 -3.38
CA ARG A 281 -14.41 4.05 -2.53
C ARG A 281 -14.39 2.66 -3.15
N ASP A 282 -14.60 2.55 -4.47
CA ASP A 282 -14.63 1.23 -5.09
C ASP A 282 -13.25 0.57 -4.97
N SER A 283 -12.19 1.37 -5.12
CA SER A 283 -10.83 0.84 -4.98
C SER A 283 -10.62 0.29 -3.59
N TYR A 284 -11.07 1.02 -2.58
CA TYR A 284 -11.04 0.48 -1.24
C TYR A 284 -11.68 -0.89 -1.22
N MSE A 285 -12.91 -1.00 -1.74
CA MSE A 285 -13.59 -2.28 -1.64
C MSE A 285 -12.87 -3.33 -2.45
O MSE A 285 -12.74 -4.48 -2.00
CB MSE A 285 -15.07 -2.22 -2.05
CG MSE A 285 -15.83 -0.98 -1.61
SE MSE A 285 -17.64 -0.90 -2.42
CE MSE A 285 -18.44 -2.03 -1.05
N ALA A 286 -12.35 -2.95 -3.62
CA ALA A 286 -11.54 -3.90 -4.37
C ALA A 286 -10.43 -4.44 -3.48
N GLY A 287 -9.66 -3.54 -2.87
CA GLY A 287 -8.58 -3.97 -1.99
C GLY A 287 -9.09 -4.91 -0.92
N VAL A 288 -10.21 -4.54 -0.29
CA VAL A 288 -10.70 -5.29 0.86
C VAL A 288 -11.08 -6.70 0.44
N VAL A 289 -11.61 -6.84 -0.77
CA VAL A 289 -11.98 -8.18 -1.24
C VAL A 289 -10.72 -8.95 -1.57
N ASP A 290 -9.84 -8.29 -2.33
CA ASP A 290 -8.59 -8.91 -2.75
C ASP A 290 -7.82 -9.43 -1.54
N ARG A 291 -7.52 -8.52 -0.59
CA ARG A 291 -6.69 -8.89 0.55
C ARG A 291 -7.32 -9.99 1.36
N MSE A 292 -8.63 -10.15 1.29
CA MSE A 292 -9.22 -11.13 2.16
C MSE A 292 -9.19 -12.50 1.51
O MSE A 292 -9.02 -13.52 2.18
CB MSE A 292 -10.64 -10.76 2.54
CG MSE A 292 -11.24 -11.80 3.45
SE MSE A 292 -13.09 -12.05 3.04
CE MSE A 292 -12.92 -12.97 1.37
N VAL A 293 -9.35 -12.53 0.18
CA VAL A 293 -9.57 -13.81 -0.48
C VAL A 293 -8.29 -14.63 -0.50
N ARG A 294 -7.15 -13.99 -0.78
CA ARG A 294 -5.86 -14.68 -0.66
C ARG A 294 -5.52 -15.04 0.79
N ALA A 295 -5.94 -14.23 1.76
CA ALA A 295 -5.62 -14.55 3.15
C ALA A 295 -6.35 -15.81 3.61
N ASN A 296 -7.62 -15.97 3.19
CA ASN A 296 -8.37 -17.20 3.44
C ASN A 296 -8.61 -17.80 2.06
N PRO A 297 -7.66 -18.59 1.53
CA PRO A 297 -7.79 -19.04 0.13
C PRO A 297 -8.91 -20.03 -0.11
N ASP A 298 -9.60 -20.47 0.94
CA ASP A 298 -10.68 -21.42 0.85
C ASP A 298 -12.05 -20.75 0.86
N VAL A 299 -12.09 -19.43 0.84
CA VAL A 299 -13.35 -18.71 0.91
C VAL A 299 -13.85 -18.48 -0.50
N LYS A 300 -15.10 -18.88 -0.74
CA LYS A 300 -15.86 -18.52 -1.91
C LYS A 300 -16.91 -17.52 -1.44
N ILE A 301 -16.84 -16.30 -1.99
CA ILE A 301 -17.61 -15.19 -1.45
C ILE A 301 -18.63 -14.70 -2.48
N ILE A 302 -19.90 -14.70 -2.08
CA ILE A 302 -20.94 -14.04 -2.84
C ILE A 302 -20.94 -12.57 -2.48
N LEU A 303 -20.89 -11.69 -3.48
CA LEU A 303 -20.91 -10.25 -3.19
C LEU A 303 -22.25 -9.64 -3.52
N LEU A 304 -22.80 -8.94 -2.54
CA LEU A 304 -24.04 -8.23 -2.71
C LEU A 304 -23.70 -6.75 -2.82
N ALA A 305 -23.69 -6.24 -4.04
CA ALA A 305 -23.29 -4.87 -4.31
C ALA A 305 -23.98 -4.43 -5.59
N HIS A 306 -24.13 -3.12 -5.74
CA HIS A 306 -24.86 -2.56 -6.86
C HIS A 306 -24.19 -2.89 -8.21
N ASN A 307 -24.99 -2.91 -9.28
CA ASN A 307 -24.46 -3.21 -10.62
C ASN A 307 -23.25 -2.35 -10.93
N ASN A 308 -23.30 -1.07 -10.57
CA ASN A 308 -22.18 -0.17 -10.88
C ASN A 308 -20.91 -0.56 -10.13
N ASN A 309 -21.01 -1.14 -8.93
CA ASN A 309 -19.83 -1.60 -8.22
C ASN A 309 -19.31 -2.91 -8.78
N LEU A 310 -20.22 -3.80 -9.18
CA LEU A 310 -19.76 -5.11 -9.65
C LEU A 310 -19.21 -5.05 -11.06
N GLN A 311 -19.45 -3.95 -11.77
CA GLN A 311 -19.13 -3.84 -13.18
C GLN A 311 -17.61 -3.92 -13.38
N LYS A 312 -17.20 -4.31 -14.59
CA LYS A 312 -15.79 -4.60 -14.86
C LYS A 312 -15.18 -3.66 -15.87
N THR A 313 -15.89 -2.61 -16.24
CA THR A 313 -15.48 -1.57 -17.17
C THR A 313 -15.83 -0.23 -16.55
N PRO A 314 -15.23 0.86 -17.01
CA PRO A 314 -15.57 2.17 -16.44
C PRO A 314 -17.07 2.40 -16.44
N VAL A 315 -17.54 3.08 -15.40
CA VAL A 315 -18.94 3.43 -15.25
C VAL A 315 -19.13 4.75 -15.95
N SER A 316 -19.96 4.76 -16.99
N SER A 316 -19.96 4.76 -16.99
CA SER A 316 -20.18 5.95 -17.80
CA SER A 316 -20.19 5.96 -17.79
C SER A 316 -21.67 6.06 -18.10
C SER A 316 -21.67 6.05 -18.08
N PHE A 317 -22.27 7.18 -17.71
CA PHE A 317 -23.64 7.45 -18.06
C PHE A 317 -23.76 8.17 -19.38
N SER A 318 -22.79 9.04 -19.72
CA SER A 318 -22.88 9.86 -20.91
C SER A 318 -21.59 9.88 -21.72
N GLY A 319 -20.63 9.03 -21.42
CA GLY A 319 -19.33 9.06 -22.03
C GLY A 319 -18.22 9.54 -21.12
N GLU A 320 -18.58 10.25 -20.04
CA GLU A 320 -17.60 10.66 -19.06
C GLU A 320 -17.20 9.45 -18.23
N LEU A 321 -16.01 9.52 -17.62
CA LEU A 321 -15.57 8.48 -16.69
C LEU A 321 -16.07 8.86 -15.30
N THR A 322 -17.15 8.21 -14.86
CA THR A 322 -17.68 8.52 -13.53
C THR A 322 -16.83 7.84 -12.45
N ALA A 323 -16.47 6.58 -12.68
CA ALA A 323 -15.71 5.81 -11.71
C ALA A 323 -15.15 4.59 -12.42
N VAL A 324 -13.98 4.16 -11.96
CA VAL A 324 -13.49 2.80 -12.18
C VAL A 324 -14.22 1.95 -11.15
N PRO A 325 -14.96 0.92 -11.53
CA PRO A 325 -15.69 0.13 -10.54
C PRO A 325 -14.81 -0.88 -9.82
N MSE A 326 -15.23 -1.24 -8.61
CA MSE A 326 -14.55 -2.26 -7.85
C MSE A 326 -14.23 -3.52 -8.67
O MSE A 326 -13.16 -4.12 -8.54
CB MSE A 326 -15.40 -2.65 -6.65
CG MSE A 326 -15.08 -4.05 -6.14
SE MSE A 326 -16.22 -4.65 -4.67
CE MSE A 326 -17.63 -5.54 -5.70
N GLY A 327 -15.19 -3.91 -9.52
CA GLY A 327 -15.04 -5.12 -10.29
C GLY A 327 -14.03 -5.01 -11.42
N GLN A 328 -13.74 -3.80 -11.89
CA GLN A 328 -12.67 -3.64 -12.86
C GLN A 328 -11.32 -3.97 -12.23
N HIS A 329 -11.03 -3.35 -11.08
CA HIS A 329 -9.91 -3.78 -10.25
C HIS A 329 -9.91 -5.29 -10.05
N LEU A 330 -11.07 -5.86 -9.70
CA LEU A 330 -11.08 -7.27 -9.34
C LEU A 330 -10.88 -8.16 -10.55
N ALA A 331 -11.27 -7.69 -11.74
CA ALA A 331 -11.04 -8.49 -12.93
C ALA A 331 -9.54 -8.59 -13.24
N GLU A 332 -8.77 -7.58 -12.82
CA GLU A 332 -7.31 -7.60 -12.94
C GLU A 332 -6.65 -8.58 -12.00
N ARG A 333 -7.42 -9.29 -11.17
CA ARG A 333 -6.85 -10.36 -10.36
C ARG A 333 -6.35 -11.46 -11.27
N GLU A 334 -5.06 -11.83 -11.10
CA GLU A 334 -4.40 -12.75 -12.02
C GLU A 334 -5.07 -14.13 -12.03
N GLU A 335 -5.78 -14.47 -10.95
CA GLU A 335 -6.41 -15.79 -10.80
C GLU A 335 -7.67 -15.95 -11.67
N GLU A 336 -8.18 -14.87 -12.28
CA GLU A 336 -9.31 -14.91 -13.21
C GLU A 336 -10.53 -15.61 -12.63
N ASP A 337 -10.73 -15.51 -11.32
CA ASP A 337 -11.81 -16.20 -10.65
C ASP A 337 -12.82 -15.21 -10.07
N TYR A 338 -12.99 -14.07 -10.72
CA TYR A 338 -14.03 -13.11 -10.38
C TYR A 338 -15.11 -13.17 -11.46
N ARG A 339 -16.36 -13.30 -11.04
CA ARG A 339 -17.49 -13.27 -11.95
C ARG A 339 -18.47 -12.21 -11.49
N ALA A 340 -19.01 -11.43 -12.44
CA ALA A 340 -20.03 -10.42 -12.15
C ALA A 340 -21.35 -10.77 -12.85
N ILE A 341 -22.42 -10.96 -12.05
CA ILE A 341 -23.79 -11.14 -12.55
C ILE A 341 -24.60 -9.88 -12.24
N ALA A 342 -24.96 -9.13 -13.27
CA ALA A 342 -25.77 -7.93 -13.11
C ALA A 342 -27.25 -8.32 -13.02
N PHE A 343 -28.05 -7.47 -12.35
CA PHE A 343 -29.50 -7.61 -12.27
C PHE A 343 -30.17 -6.36 -12.83
N THR A 344 -31.12 -6.55 -13.76
CA THR A 344 -31.93 -5.46 -14.30
C THR A 344 -33.39 -5.92 -14.41
N HIS A 345 -34.26 -5.02 -14.87
CA HIS A 345 -35.70 -5.28 -14.93
C HIS A 345 -36.30 -4.57 -16.14
N LEU A 346 -37.49 -5.05 -16.56
CA LEU A 346 -38.27 -4.43 -17.65
C LEU A 346 -39.38 -3.51 -17.17
N GLY A 347 -39.52 -3.29 -15.87
CA GLY A 347 -40.57 -2.44 -15.37
C GLY A 347 -40.49 -1.03 -15.91
N SER A 348 -41.57 -0.29 -15.73
CA SER A 348 -41.63 1.10 -16.17
C SER A 348 -41.17 2.08 -15.11
N THR A 349 -41.27 1.70 -13.84
CA THR A 349 -40.82 2.53 -12.75
C THR A 349 -39.71 1.80 -12.01
N VAL A 350 -39.03 2.54 -11.17
CA VAL A 350 -37.99 1.98 -10.32
C VAL A 350 -37.91 2.89 -9.10
N PRO A 351 -37.61 2.34 -7.94
CA PRO A 351 -37.27 3.18 -6.80
C PRO A 351 -36.01 3.98 -7.11
N GLU A 352 -36.00 5.22 -6.66
CA GLU A 352 -34.89 6.09 -6.95
C GLU A 352 -34.62 6.97 -5.75
N MSE A 353 -33.35 7.13 -5.41
CA MSE A 353 -33.00 8.06 -4.34
C MSE A 353 -33.09 9.50 -4.79
O MSE A 353 -32.66 9.90 -5.87
CB MSE A 353 -31.62 7.77 -3.71
CG MSE A 353 -31.33 6.33 -3.23
SE MSE A 353 -29.40 5.99 -3.19
CE MSE A 353 -29.11 6.28 -1.31
N GLN A 354 -33.70 10.29 -3.91
CA GLN A 354 -33.96 11.71 -4.10
C GLN A 354 -33.20 12.48 -3.03
N PHE A 355 -32.35 13.41 -3.46
CA PHE A 355 -31.63 14.29 -2.57
C PHE A 355 -32.05 15.73 -2.83
N PRO A 356 -32.30 16.51 -1.76
CA PRO A 356 -32.25 16.00 -0.39
C PRO A 356 -33.65 15.52 -0.01
N SER A 357 -33.82 15.11 1.24
CA SER A 357 -35.15 14.84 1.79
C SER A 357 -35.13 15.21 3.25
N PRO A 358 -35.34 16.49 3.56
CA PRO A 358 -35.20 16.97 4.95
C PRO A 358 -36.08 16.19 5.90
N GLY A 359 -35.56 15.97 7.10
CA GLY A 359 -36.26 15.21 8.10
C GLY A 359 -36.07 13.72 7.94
N SER A 360 -35.90 13.25 6.69
CA SER A 360 -35.65 11.85 6.47
C SER A 360 -34.41 11.43 7.25
N PRO A 361 -34.44 10.27 7.89
CA PRO A 361 -33.31 9.85 8.72
C PRO A 361 -32.01 9.79 7.96
N LEU A 362 -32.04 9.60 6.64
CA LEU A 362 -30.84 9.35 5.86
C LEU A 362 -30.47 10.51 4.95
N GLY A 363 -31.21 11.63 4.99
CA GLY A 363 -30.87 12.69 4.08
C GLY A 363 -31.28 12.45 2.65
N PHE A 364 -31.96 11.34 2.37
CA PHE A 364 -32.55 11.11 1.06
C PHE A 364 -33.86 10.37 1.26
N SER A 365 -34.61 10.22 0.18
CA SER A 365 -35.80 9.41 0.22
C SER A 365 -35.85 8.57 -1.04
N VAL A 366 -36.64 7.50 -0.98
CA VAL A 366 -36.77 6.53 -2.06
C VAL A 366 -38.16 6.71 -2.66
N VAL A 367 -38.21 7.18 -3.91
CA VAL A 367 -39.48 7.49 -4.52
C VAL A 367 -39.64 6.69 -5.80
N THR A 368 -40.88 6.32 -6.11
CA THR A 368 -41.16 5.63 -7.35
C THR A 368 -41.04 6.61 -8.52
N THR A 369 -40.12 6.34 -9.44
CA THR A 369 -39.74 7.26 -10.50
C THR A 369 -39.69 6.51 -11.81
N PRO A 370 -40.01 7.15 -12.94
CA PRO A 370 -39.95 6.46 -14.22
C PRO A 370 -38.53 5.95 -14.52
N ALA A 371 -38.45 4.67 -14.87
CA ALA A 371 -37.19 4.09 -15.30
C ALA A 371 -36.72 4.77 -16.58
N ASP A 372 -35.45 4.61 -16.90
CA ASP A 372 -34.97 5.14 -18.18
C ASP A 372 -35.55 4.31 -19.29
N ALA A 373 -35.87 4.98 -20.41
CA ALA A 373 -36.56 4.34 -21.52
C ALA A 373 -35.72 3.23 -22.13
N ILE A 374 -36.39 2.16 -22.52
CA ILE A 374 -35.75 1.04 -23.19
C ILE A 374 -35.63 1.40 -24.67
N ARG A 375 -34.42 1.41 -25.19
CA ARG A 375 -34.12 1.78 -26.57
C ARG A 375 -33.46 0.60 -27.29
N GLU A 376 -33.25 0.76 -28.60
CA GLU A 376 -32.87 -0.38 -29.41
C GLU A 376 -31.49 -0.93 -29.02
N ASP A 377 -30.62 -0.07 -28.47
CA ASP A 377 -29.31 -0.47 -27.98
C ASP A 377 -29.32 -0.86 -26.48
N SER A 378 -30.49 -1.18 -25.91
CA SER A 378 -30.58 -1.53 -24.49
C SER A 378 -30.51 -3.03 -24.25
N MSE A 379 -29.78 -3.45 -23.19
CA MSE A 379 -29.80 -4.87 -22.77
C MSE A 379 -31.23 -5.33 -22.55
O MSE A 379 -31.57 -6.47 -22.84
CB MSE A 379 -29.02 -5.14 -21.47
CG MSE A 379 -27.78 -6.02 -21.60
SE MSE A 379 -28.07 -7.72 -22.52
CE MSE A 379 -28.46 -9.00 -21.11
N GLU A 380 -32.04 -4.43 -22.00
CA GLU A 380 -33.41 -4.82 -21.69
C GLU A 380 -34.23 -5.06 -22.95
N GLN A 381 -33.92 -4.36 -24.05
CA GLN A 381 -34.64 -4.62 -25.28
C GLN A 381 -34.24 -5.97 -25.86
N TYR A 382 -32.96 -6.35 -25.73
CA TYR A 382 -32.64 -7.73 -26.10
C TYR A 382 -33.32 -8.72 -25.15
N ILE A 383 -33.50 -8.36 -23.88
CA ILE A 383 -34.20 -9.26 -22.97
C ILE A 383 -35.66 -9.44 -23.41
N ILE A 384 -36.32 -8.33 -23.74
CA ILE A 384 -37.66 -8.42 -24.31
C ILE A 384 -37.64 -9.34 -25.54
N ASP A 385 -36.74 -9.07 -26.49
CA ASP A 385 -36.76 -9.81 -27.75
C ASP A 385 -36.17 -11.21 -27.65
N ALA A 386 -35.74 -11.65 -26.49
CA ALA A 386 -35.26 -13.00 -26.33
C ALA A 386 -36.10 -13.85 -25.39
N CYS A 387 -36.67 -13.25 -24.35
CA CYS A 387 -37.32 -14.00 -23.28
C CYS A 387 -38.76 -13.62 -23.05
N GLY A 388 -39.17 -12.43 -23.46
CA GLY A 388 -40.51 -11.96 -23.22
C GLY A 388 -40.54 -10.90 -22.13
N THR A 389 -41.75 -10.65 -21.65
CA THR A 389 -41.97 -9.56 -20.72
C THR A 389 -42.56 -10.00 -19.40
N GLU A 390 -42.81 -11.31 -19.22
CA GLU A 390 -43.62 -11.74 -18.09
C GLU A 390 -43.05 -12.93 -17.32
N ASP A 391 -41.86 -13.41 -17.69
CA ASP A 391 -41.13 -14.39 -16.90
C ASP A 391 -39.69 -13.91 -16.78
N SER A 392 -39.20 -13.85 -15.54
CA SER A 392 -37.79 -13.55 -15.27
C SER A 392 -36.86 -14.38 -16.14
N CYS A 393 -35.74 -13.77 -16.55
CA CYS A 393 -34.83 -14.32 -17.54
C CYS A 393 -33.39 -14.29 -17.01
N LEU A 394 -32.54 -15.14 -17.61
CA LEU A 394 -31.14 -15.28 -17.18
C LEU A 394 -30.29 -15.55 -18.40
N THR A 395 -29.29 -14.71 -18.67
CA THR A 395 -28.50 -14.96 -19.87
C THR A 395 -27.02 -14.65 -19.68
N LEU A 396 -26.21 -15.27 -20.55
CA LEU A 396 -24.78 -15.04 -20.63
C LEU A 396 -24.56 -13.86 -21.57
N THR A 397 -23.43 -13.18 -21.41
CA THR A 397 -23.07 -12.11 -22.33
C THR A 397 -22.10 -12.59 -23.41
N ASP A 398 -21.83 -13.90 -23.45
CA ASP A 398 -20.86 -14.52 -24.35
C ASP A 398 -21.35 -14.49 -25.80
N ALA A 399 -21.48 -13.29 -26.39
CA ALA A 399 -21.89 -13.12 -27.78
C ALA A 399 -21.80 -11.64 -28.16
N PRO A 400 -21.33 -11.31 -29.36
CA PRO A 400 -21.41 -9.92 -29.83
C PRO A 400 -22.86 -9.47 -29.90
N MSE A 401 -23.07 -8.17 -29.67
CA MSE A 401 -24.42 -7.64 -29.46
C MSE A 401 -24.56 -6.13 -29.71
O MSE A 401 -23.65 -5.36 -29.40
CB MSE A 401 -24.85 -7.93 -28.02
CG MSE A 401 -23.75 -7.60 -27.04
SE MSE A 401 -24.28 -7.72 -25.17
CE MSE A 401 -25.73 -8.98 -25.33
N LYS A 402 -25.71 -5.72 -30.21
CA LYS A 402 -26.01 -4.30 -30.40
C LYS A 402 -26.27 -3.57 -29.08
N ALA A 403 -26.51 -4.29 -27.99
CA ALA A 403 -26.83 -3.68 -26.69
C ALA A 403 -25.60 -2.95 -26.12
N LYS A 404 -25.67 -1.62 -26.09
CA LYS A 404 -24.65 -0.76 -25.52
C LYS A 404 -24.98 -0.27 -24.11
N ARG A 405 -26.21 -0.46 -23.63
CA ARG A 405 -26.72 0.30 -22.49
C ARG A 405 -27.49 -0.60 -21.54
N MSE A 406 -27.62 -0.12 -20.31
CA MSE A 406 -28.36 -0.87 -19.30
C MSE A 406 -28.90 0.11 -18.29
O MSE A 406 -28.30 1.16 -18.06
CB MSE A 406 -27.49 -1.94 -18.60
CG MSE A 406 -28.29 -2.89 -17.67
SE MSE A 406 -27.40 -4.52 -17.15
CE MSE A 406 -28.54 -5.71 -18.12
N ARG A 407 -30.04 -0.23 -17.69
CA ARG A 407 -30.61 0.63 -16.66
C ARG A 407 -29.73 0.61 -15.42
N SER A 408 -29.58 1.77 -14.81
CA SER A 408 -28.91 1.85 -13.53
C SER A 408 -29.61 2.96 -12.79
N GLN A 409 -30.01 2.70 -11.54
CA GLN A 409 -30.93 3.58 -10.85
C GLN A 409 -32.06 3.84 -11.86
N SER A 410 -32.44 5.10 -12.11
CA SER A 410 -33.39 5.46 -13.16
C SER A 410 -32.72 5.95 -14.43
N ALA A 411 -31.40 6.09 -14.44
CA ALA A 411 -30.68 6.43 -15.63
C ALA A 411 -30.09 5.14 -16.24
N SER A 412 -29.03 5.28 -17.01
CA SER A 412 -28.49 4.11 -17.66
C SER A 412 -26.98 4.26 -17.81
N VAL A 413 -26.27 3.13 -17.86
CA VAL A 413 -24.83 3.17 -18.15
C VAL A 413 -24.64 2.65 -19.57
N GLU A 414 -23.58 3.13 -20.21
CA GLU A 414 -23.24 2.71 -21.56
C GLU A 414 -21.85 2.12 -21.52
N THR A 415 -21.70 0.94 -22.10
CA THR A 415 -20.53 0.14 -21.88
C THR A 415 -20.60 -1.04 -22.84
N ASN A 416 -19.46 -1.69 -23.04
CA ASN A 416 -19.43 -3.04 -23.59
C ASN A 416 -19.95 -4.00 -22.53
N LEU A 417 -21.15 -4.52 -22.75
CA LEU A 417 -21.78 -5.40 -21.78
C LEU A 417 -21.26 -6.84 -21.85
N SER A 418 -20.54 -7.21 -22.91
CA SER A 418 -19.92 -8.53 -22.94
C SER A 418 -18.62 -8.55 -22.14
N GLU A 419 -18.06 -7.39 -21.84
CA GLU A 419 -16.92 -7.34 -20.95
C GLU A 419 -17.20 -6.66 -19.62
N ALA A 420 -18.38 -6.05 -19.44
CA ALA A 420 -18.71 -5.44 -18.16
C ALA A 420 -19.25 -6.46 -17.16
N PHE A 421 -19.95 -7.49 -17.64
CA PHE A 421 -20.55 -8.49 -16.75
C PHE A 421 -20.47 -9.88 -17.40
N ASP A 422 -20.42 -10.89 -16.54
CA ASP A 422 -20.50 -12.26 -17.00
C ASP A 422 -21.94 -12.65 -17.31
N ALA A 423 -22.88 -12.33 -16.44
CA ALA A 423 -24.25 -12.72 -16.68
C ALA A 423 -25.18 -11.56 -16.41
N ILE A 424 -26.42 -11.73 -16.86
CA ILE A 424 -27.48 -10.75 -16.67
C ILE A 424 -28.74 -11.49 -16.23
N VAL A 425 -29.23 -11.17 -15.03
CA VAL A 425 -30.55 -11.57 -14.55
C VAL A 425 -31.49 -10.41 -14.80
N CYS A 426 -32.69 -10.72 -15.30
CA CYS A 426 -33.69 -9.71 -15.61
C CYS A 426 -35.01 -10.13 -14.98
N VAL A 427 -35.70 -9.17 -14.40
CA VAL A 427 -36.99 -9.48 -13.79
C VAL A 427 -38.03 -8.58 -14.44
N PRO A 428 -39.30 -8.98 -14.48
CA PRO A 428 -40.27 -8.19 -15.23
C PRO A 428 -40.48 -6.79 -14.66
N SER A 429 -40.19 -6.55 -13.39
CA SER A 429 -40.63 -5.30 -12.78
C SER A 429 -39.78 -5.03 -11.54
N ALA A 430 -39.71 -3.75 -11.17
CA ALA A 430 -38.91 -3.33 -10.02
C ALA A 430 -39.82 -2.55 -9.06
N GLY A 431 -40.34 -3.24 -8.06
CA GLY A 431 -41.07 -2.61 -6.98
C GLY A 431 -40.21 -2.35 -5.75
N LYS A 432 -40.57 -1.30 -5.03
CA LYS A 432 -39.85 -0.92 -3.82
C LYS A 432 -39.93 -2.05 -2.82
N ASP A 433 -38.82 -2.38 -2.18
CA ASP A 433 -38.89 -3.47 -1.21
C ASP A 433 -39.68 -2.95 -0.03
N GLY A 434 -40.50 -3.82 0.55
CA GLY A 434 -41.50 -3.34 1.48
C GLY A 434 -40.89 -2.55 2.62
N LEU A 435 -39.89 -3.13 3.30
CA LEU A 435 -39.44 -2.61 4.58
C LEU A 435 -38.57 -1.36 4.48
N VAL A 436 -38.45 -0.72 3.35
CA VAL A 436 -37.77 0.57 3.33
C VAL A 436 -38.82 1.64 3.50
N ASP A 437 -38.52 2.65 4.31
CA ASP A 437 -39.50 3.66 4.64
C ASP A 437 -38.83 5.03 4.74
N MSE B 31 33.24 -20.92 15.82
CA MSE B 31 32.74 -19.93 14.86
C MSE B 31 33.69 -19.71 13.67
O MSE B 31 34.87 -19.38 13.85
CB MSE B 31 32.45 -18.60 15.58
CG MSE B 31 31.13 -17.97 15.11
SE MSE B 31 30.55 -16.33 16.05
CE MSE B 31 31.27 -14.91 14.92
N THR B 32 33.16 -19.90 12.47
CA THR B 32 34.00 -20.01 11.27
C THR B 32 34.52 -18.65 10.85
N TRP B 33 35.83 -18.43 11.03
CA TRP B 33 36.50 -17.20 10.63
C TRP B 33 37.65 -17.49 9.65
N ARG B 34 38.07 -16.43 8.98
CA ARG B 34 39.09 -16.47 7.95
C ARG B 34 39.73 -15.09 7.88
N THR B 35 41.03 -15.01 8.20
CA THR B 35 41.77 -13.79 7.91
C THR B 35 41.81 -13.58 6.41
N THR B 36 41.46 -12.37 5.97
CA THR B 36 41.48 -12.03 4.54
C THR B 36 42.36 -10.80 4.39
N ARG B 37 43.58 -11.02 3.90
CA ARG B 37 44.55 -9.92 3.84
C ARG B 37 44.31 -9.04 2.62
N THR B 38 43.92 -9.64 1.51
CA THR B 38 43.79 -8.87 0.28
C THR B 38 42.56 -7.96 0.25
N LEU B 39 41.67 -8.05 1.25
CA LEU B 39 40.36 -7.40 1.19
C LEU B 39 40.46 -5.93 0.82
N LEU B 40 41.51 -5.24 1.26
CA LEU B 40 41.65 -3.83 0.97
C LEU B 40 42.44 -3.58 -0.32
N GLN B 41 42.54 -4.58 -1.19
CA GLN B 41 43.25 -4.46 -2.46
C GLN B 41 42.40 -5.08 -3.55
N PRO B 42 41.42 -4.32 -4.06
CA PRO B 42 40.55 -4.84 -5.14
C PRO B 42 41.27 -5.47 -6.33
N GLN B 43 42.36 -4.85 -6.83
CA GLN B 43 43.05 -5.37 -8.01
C GLN B 43 43.73 -6.72 -7.73
N LYS B 44 44.32 -6.88 -6.54
CA LYS B 44 45.09 -8.07 -6.21
C LYS B 44 44.36 -8.80 -5.08
N LEU B 45 43.31 -9.53 -5.46
CA LEU B 45 42.44 -10.17 -4.48
C LEU B 45 42.50 -11.69 -4.63
N ASP B 46 42.49 -12.38 -3.50
CA ASP B 46 42.46 -13.84 -3.44
C ASP B 46 41.04 -14.25 -3.06
N PHE B 47 40.28 -14.74 -4.04
CA PHE B 47 38.87 -15.07 -3.81
C PHE B 47 38.71 -16.24 -2.86
N ASN B 48 39.74 -17.07 -2.70
CA ASN B 48 39.62 -18.17 -1.75
C ASN B 48 39.41 -17.65 -0.33
N GLU B 49 40.04 -16.51 0.00
CA GLU B 49 39.81 -15.86 1.28
C GLU B 49 38.34 -15.60 1.56
N PHE B 50 37.50 -15.50 0.52
CA PHE B 50 36.09 -15.19 0.66
C PHE B 50 35.19 -16.36 0.32
N GLU B 51 35.74 -17.55 0.06
CA GLU B 51 34.86 -18.68 -0.25
C GLU B 51 34.02 -19.04 0.95
N ILE B 52 34.46 -18.65 2.13
CA ILE B 52 33.72 -18.65 3.39
C ILE B 52 32.31 -18.10 3.20
N LEU B 53 32.14 -17.25 2.19
CA LEU B 53 30.87 -16.56 1.94
C LEU B 53 29.95 -17.28 0.97
N THR B 54 30.46 -18.23 0.19
CA THR B 54 29.55 -18.89 -0.74
C THR B 54 28.46 -19.69 -0.03
N PRO B 55 28.69 -20.31 1.13
CA PRO B 55 27.57 -21.01 1.78
C PRO B 55 26.36 -20.13 2.05
N LEU B 56 26.55 -18.87 2.45
CA LEU B 56 25.39 -18.06 2.77
C LEU B 56 24.96 -17.14 1.62
N VAL B 57 25.86 -16.85 0.68
CA VAL B 57 25.45 -16.16 -0.54
C VAL B 57 24.73 -17.07 -1.53
N GLU B 58 24.83 -18.40 -1.37
CA GLU B 58 24.22 -19.30 -2.33
C GLU B 58 22.70 -19.19 -2.25
N GLY B 59 22.06 -19.05 -3.42
CA GLY B 59 20.62 -18.88 -3.46
C GLY B 59 20.13 -17.68 -2.70
N ALA B 60 20.95 -16.63 -2.62
CA ALA B 60 20.53 -15.33 -2.14
C ALA B 60 20.43 -14.38 -3.33
N ARG B 61 19.49 -13.45 -3.23
CA ARG B 61 19.28 -12.49 -4.29
C ARG B 61 19.54 -11.05 -3.86
N ILE B 62 19.62 -10.79 -2.55
CA ILE B 62 19.91 -9.47 -2.02
C ILE B 62 20.94 -9.65 -0.93
N VAL B 63 22.14 -9.08 -1.12
CA VAL B 63 23.17 -9.06 -0.08
C VAL B 63 23.70 -7.65 0.07
N GLY B 64 23.63 -7.12 1.29
CA GLY B 64 24.05 -5.77 1.57
C GLY B 64 25.48 -5.74 2.09
N LEU B 65 26.30 -4.90 1.48
CA LEU B 65 27.64 -4.61 1.96
C LEU B 65 27.60 -3.39 2.88
N GLY B 66 27.72 -3.62 4.19
CA GLY B 66 27.60 -2.57 5.19
C GLY B 66 28.82 -1.66 5.33
N GLU B 67 28.80 -0.89 6.43
CA GLU B 67 29.87 -0.02 6.87
C GLU B 67 29.54 0.41 8.29
N GLY B 68 30.45 0.18 9.23
CA GLY B 68 30.16 0.57 10.60
C GLY B 68 30.05 2.06 10.78
N ALA B 69 30.58 2.82 9.85
CA ALA B 69 30.52 4.27 9.90
C ALA B 69 30.68 4.80 8.48
N HIS B 70 29.96 5.87 8.18
CA HIS B 70 30.07 6.58 6.90
C HIS B 70 31.47 7.18 6.76
N PHE B 71 31.89 7.38 5.51
CA PHE B 71 33.02 8.25 5.15
C PHE B 71 34.38 7.61 5.46
N VAL B 72 34.46 6.29 5.53
CA VAL B 72 35.67 5.54 5.94
C VAL B 72 36.33 4.95 4.70
N ALA B 73 37.62 5.27 4.50
CA ALA B 73 38.34 4.83 3.30
C ALA B 73 38.43 3.31 3.21
N GLU B 74 38.74 2.66 4.35
CA GLU B 74 38.87 1.20 4.41
C GLU B 74 37.56 0.53 4.04
N PHE B 75 36.44 1.09 4.49
CA PHE B 75 35.16 0.51 4.14
C PHE B 75 34.84 0.68 2.65
N SER B 76 35.32 1.76 2.03
CA SER B 76 35.07 1.88 0.60
C SER B 76 35.90 0.86 -0.17
N LEU B 77 37.15 0.63 0.26
CA LEU B 77 38.00 -0.35 -0.41
C LEU B 77 37.42 -1.75 -0.27
N ALA B 78 37.01 -2.11 0.96
CA ALA B 78 36.39 -3.42 1.19
C ALA B 78 35.11 -3.57 0.38
N ARG B 79 34.32 -2.49 0.26
CA ARG B 79 33.09 -2.56 -0.54
C ARG B 79 33.44 -2.86 -1.98
N ALA B 80 34.46 -2.20 -2.52
CA ALA B 80 34.78 -2.45 -3.92
C ALA B 80 35.27 -3.89 -4.12
N SER B 81 36.03 -4.42 -3.17
CA SER B 81 36.54 -5.78 -3.35
C SER B 81 35.43 -6.81 -3.24
N LEU B 82 34.51 -6.67 -2.28
CA LEU B 82 33.39 -7.59 -2.22
C LEU B 82 32.41 -7.37 -3.39
N ILE B 83 32.34 -6.17 -3.96
CA ILE B 83 31.55 -6.03 -5.18
C ILE B 83 32.14 -6.89 -6.27
N ARG B 84 33.47 -6.83 -6.43
CA ARG B 84 34.11 -7.64 -7.45
C ARG B 84 33.89 -9.12 -7.17
N TYR B 85 33.88 -9.50 -5.88
CA TYR B 85 33.65 -10.90 -5.55
C TYR B 85 32.24 -11.34 -5.90
N LEU B 86 31.22 -10.63 -5.39
CA LEU B 86 29.84 -11.02 -5.65
C LEU B 86 29.52 -11.01 -7.15
N VAL B 87 30.00 -10.00 -7.88
CA VAL B 87 29.78 -9.98 -9.33
C VAL B 87 30.42 -11.20 -9.97
N GLU B 88 31.76 -11.29 -9.90
CA GLU B 88 32.49 -12.27 -10.69
C GLU B 88 32.35 -13.71 -10.17
N ARG B 89 31.82 -13.92 -8.97
CA ARG B 89 31.63 -15.27 -8.45
C ARG B 89 30.18 -15.65 -8.16
N HIS B 90 29.23 -14.71 -8.25
CA HIS B 90 27.86 -15.01 -7.90
C HIS B 90 26.86 -14.31 -8.81
N ASP B 91 27.32 -13.68 -9.90
CA ASP B 91 26.45 -13.16 -10.95
C ASP B 91 25.56 -12.03 -10.43
N PHE B 92 26.10 -11.17 -9.58
CA PHE B 92 25.31 -10.04 -9.11
C PHE B 92 25.27 -8.95 -10.18
N ASN B 93 24.04 -8.53 -10.54
N ASN B 93 24.05 -8.53 -10.53
CA ASN B 93 23.85 -7.64 -11.67
CA ASN B 93 23.82 -7.64 -11.67
C ASN B 93 23.56 -6.19 -11.28
C ASN B 93 23.57 -6.19 -11.27
N ALA B 94 23.29 -5.91 -10.01
CA ALA B 94 22.89 -4.56 -9.62
C ALA B 94 23.54 -4.13 -8.31
N ILE B 95 23.69 -2.81 -8.17
CA ILE B 95 24.26 -2.16 -6.99
C ILE B 95 23.26 -1.11 -6.51
N GLY B 96 22.83 -1.21 -5.24
CA GLY B 96 21.86 -0.30 -4.67
C GLY B 96 22.54 0.77 -3.80
N LEU B 97 22.09 2.00 -3.95
CA LEU B 97 22.69 3.18 -3.35
C LEU B 97 21.69 3.86 -2.42
N GLU B 98 22.19 4.54 -1.40
CA GLU B 98 21.34 5.40 -0.56
C GLU B 98 21.16 6.75 -1.25
N CYS B 99 20.48 6.71 -2.38
CA CYS B 99 20.15 7.93 -3.10
C CYS B 99 18.79 7.71 -3.76
N GLY B 100 18.02 8.79 -3.87
CA GLY B 100 16.78 8.73 -4.65
C GLY B 100 17.01 8.25 -6.08
N ALA B 101 15.94 7.74 -6.66
CA ALA B 101 16.02 7.05 -7.94
C ALA B 101 16.28 8.00 -9.08
N ILE B 102 16.02 9.30 -8.90
CA ILE B 102 16.45 10.23 -9.93
C ILE B 102 17.94 10.55 -9.76
N GLN B 103 18.43 10.71 -8.52
CA GLN B 103 19.87 10.83 -8.29
C GLN B 103 20.63 9.67 -8.93
N ALA B 104 20.15 8.44 -8.70
CA ALA B 104 20.80 7.25 -9.24
C ALA B 104 20.81 7.23 -10.76
N SER B 105 19.80 7.81 -11.39
CA SER B 105 19.77 7.77 -12.85
C SER B 105 20.80 8.72 -13.44
N ARG B 106 21.02 9.85 -12.78
CA ARG B 106 22.11 10.73 -13.17
C ARG B 106 23.46 10.07 -12.90
N LEU B 107 23.58 9.28 -11.83
CA LEU B 107 24.81 8.50 -11.61
C LEU B 107 25.03 7.46 -12.71
N SER B 108 23.95 6.86 -13.23
CA SER B 108 24.15 5.88 -14.30
C SER B 108 24.51 6.56 -15.60
N GLU B 109 24.09 7.81 -15.79
CA GLU B 109 24.67 8.62 -16.85
C GLU B 109 26.18 8.76 -16.65
N TYR B 110 26.58 9.08 -15.41
CA TYR B 110 28.00 9.17 -15.08
C TYR B 110 28.75 7.90 -15.49
N LEU B 111 28.20 6.74 -15.21
CA LEU B 111 28.91 5.51 -15.56
C LEU B 111 28.96 5.31 -17.08
N ASN B 112 27.79 5.31 -17.73
CA ASN B 112 27.70 4.96 -19.16
C ASN B 112 28.33 5.99 -20.09
N SER B 113 28.61 7.20 -19.62
CA SER B 113 29.10 8.26 -20.49
C SER B 113 30.62 8.18 -20.63
N THR B 114 31.09 8.06 -21.88
CA THR B 114 32.50 8.24 -22.21
C THR B 114 32.76 9.63 -22.79
N ALA B 115 31.90 10.61 -22.48
CA ALA B 115 31.95 11.93 -23.07
C ALA B 115 33.10 12.74 -22.46
N GLY B 116 33.24 14.00 -22.90
CA GLY B 116 34.32 14.84 -22.41
C GLY B 116 34.09 15.36 -21.00
N ALA B 117 35.16 15.37 -20.22
CA ALA B 117 35.19 15.87 -18.84
C ALA B 117 33.99 15.43 -18.00
N HIS B 118 33.55 14.18 -18.15
CA HIS B 118 32.39 13.69 -17.42
C HIS B 118 32.78 13.33 -15.98
N GLU B 119 33.17 14.39 -15.26
CA GLU B 119 33.57 14.28 -13.87
C GLU B 119 32.38 13.86 -13.01
N LEU B 120 32.67 13.15 -11.92
CA LEU B 120 31.58 12.72 -11.06
C LEU B 120 30.88 13.91 -10.43
N GLU B 121 31.59 15.03 -10.21
CA GLU B 121 30.97 16.22 -9.63
C GLU B 121 29.83 16.79 -10.49
N ARG B 122 29.70 16.33 -11.73
CA ARG B 122 28.68 16.79 -12.65
C ARG B 122 27.46 15.87 -12.67
N PHE B 123 27.51 14.73 -12.01
CA PHE B 123 26.38 13.82 -11.99
C PHE B 123 25.94 13.48 -10.57
N SER B 124 26.37 14.27 -9.57
CA SER B 124 26.02 13.98 -8.20
C SER B 124 25.88 15.29 -7.45
N ASP B 125 25.40 15.17 -6.20
CA ASP B 125 25.23 16.20 -5.20
C ASP B 125 26.25 16.00 -4.07
N PRO B 126 26.47 17.03 -3.24
CA PRO B 126 27.57 16.95 -2.25
C PRO B 126 27.52 15.73 -1.35
N LEU B 127 26.36 15.42 -0.80
CA LEU B 127 26.29 14.30 0.13
C LEU B 127 26.44 12.97 -0.61
N THR B 128 25.91 12.88 -1.83
CA THR B 128 26.13 11.67 -2.63
C THR B 128 27.61 11.48 -2.95
N PHE B 129 28.27 12.54 -3.45
CA PHE B 129 29.70 12.48 -3.73
C PHE B 129 30.48 12.05 -2.49
N SER B 130 30.16 12.63 -1.33
CA SER B 130 30.93 12.29 -0.11
C SER B 130 30.68 10.86 0.32
N LEU B 131 29.43 10.38 0.27
CA LEU B 131 29.10 9.02 0.68
C LEU B 131 29.70 7.98 -0.27
N TYR B 132 29.81 8.28 -1.54
CA TYR B 132 30.03 7.20 -2.48
C TYR B 132 31.07 7.45 -3.55
N GLY B 133 31.72 8.61 -3.58
CA GLY B 133 32.62 8.97 -4.65
C GLY B 133 33.68 7.95 -5.00
N SER B 134 34.51 7.55 -4.04
CA SER B 134 35.62 6.65 -4.37
C SER B 134 35.08 5.34 -4.93
N VAL B 135 34.01 4.85 -4.32
CA VAL B 135 33.32 3.66 -4.82
C VAL B 135 32.85 3.87 -6.25
N LEU B 136 32.29 5.04 -6.54
CA LEU B 136 31.67 5.22 -7.84
C LEU B 136 32.73 5.32 -8.94
N ILE B 137 33.81 6.06 -8.66
CA ILE B 137 34.95 6.14 -9.58
C ILE B 137 35.55 4.76 -9.82
N TRP B 138 35.71 3.99 -8.74
CA TRP B 138 36.23 2.64 -8.90
C TRP B 138 35.29 1.81 -9.77
N ILE B 139 33.98 1.95 -9.55
CA ILE B 139 32.98 1.18 -10.28
C ILE B 139 33.01 1.54 -11.76
N LYS B 140 33.04 2.84 -12.04
CA LYS B 140 33.11 3.31 -13.41
C LYS B 140 34.28 2.65 -14.13
N SER B 141 35.47 2.70 -13.51
CA SER B 141 36.62 2.14 -14.23
C SER B 141 36.66 0.61 -14.16
N TYR B 142 35.96 -0.01 -13.20
CA TYR B 142 35.87 -1.47 -13.15
C TYR B 142 35.04 -2.01 -14.32
N LEU B 143 33.92 -1.36 -14.66
CA LEU B 143 33.15 -1.85 -15.80
C LEU B 143 33.67 -1.32 -17.12
N ARG B 144 34.35 -0.18 -17.12
CA ARG B 144 35.07 0.20 -18.32
C ARG B 144 36.29 -0.72 -18.55
N GLU B 145 36.76 -1.45 -17.54
CA GLU B 145 37.89 -2.37 -17.72
C GLU B 145 37.53 -3.86 -17.83
N SER B 146 36.25 -4.22 -17.54
CA SER B 146 35.75 -5.59 -17.46
C SER B 146 34.71 -5.84 -18.53
N GLY B 147 34.22 -4.79 -19.18
CA GLY B 147 33.10 -4.99 -20.05
C GLY B 147 31.85 -5.45 -19.32
N ARG B 148 31.94 -5.88 -18.05
CA ARG B 148 30.73 -6.33 -17.35
C ARG B 148 29.75 -5.16 -17.19
N LYS B 149 28.46 -5.48 -17.08
CA LYS B 149 27.46 -4.40 -16.98
C LYS B 149 26.59 -4.57 -15.75
N LEU B 150 26.35 -3.44 -15.06
CA LEU B 150 25.62 -3.45 -13.80
C LEU B 150 24.60 -2.33 -13.79
N GLN B 151 23.51 -2.55 -13.05
CA GLN B 151 22.39 -1.62 -12.97
C GLN B 151 22.40 -0.96 -11.59
N LEU B 152 22.70 0.34 -11.57
CA LEU B 152 22.57 1.16 -10.37
C LEU B 152 21.11 1.43 -10.09
N VAL B 153 20.69 1.24 -8.86
CA VAL B 153 19.35 1.62 -8.44
C VAL B 153 19.48 2.46 -7.18
N GLY B 154 18.70 3.53 -7.11
CA GLY B 154 18.59 4.33 -5.91
C GLY B 154 17.42 3.80 -5.13
N ILE B 155 17.66 3.36 -3.89
CA ILE B 155 16.67 2.67 -3.07
C ILE B 155 16.21 3.54 -1.91
N ASP B 156 16.58 4.79 -1.89
CA ASP B 156 16.33 5.69 -0.77
C ASP B 156 15.45 6.82 -1.26
N LEU B 157 14.99 7.62 -0.33
CA LEU B 157 14.51 8.93 -0.70
C LEU B 157 15.65 9.71 -1.33
N PRO B 158 15.32 10.79 -2.06
CA PRO B 158 16.37 11.77 -2.40
C PRO B 158 17.14 12.07 -1.13
N ASN B 159 18.47 11.84 -1.09
CA ASN B 159 19.14 12.00 0.19
C ASN B 159 19.32 13.46 0.57
N THR B 160 18.81 14.37 -0.25
CA THR B 160 18.65 15.75 0.14
C THR B 160 17.30 16.02 0.78
N LEU B 161 16.38 15.04 0.73
CA LEU B 161 14.99 15.25 1.14
C LEU B 161 14.41 16.45 0.39
N ASN B 162 14.82 16.61 -0.86
CA ASN B 162 14.30 17.66 -1.71
C ASN B 162 13.37 17.00 -2.72
N PRO B 163 12.06 17.26 -2.66
CA PRO B 163 11.14 16.55 -3.56
C PRO B 163 10.97 17.18 -4.94
N ARG B 164 11.73 18.22 -5.27
CA ARG B 164 11.51 18.93 -6.53
C ARG B 164 11.68 18.01 -7.74
N ASP B 165 12.76 17.21 -7.77
CA ASP B 165 12.96 16.29 -8.89
C ASP B 165 11.80 15.32 -9.01
N ASP B 166 11.41 14.70 -7.90
CA ASP B 166 10.27 13.80 -7.91
C ASP B 166 9.03 14.51 -8.41
N LEU B 167 8.78 15.73 -7.90
CA LEU B 167 7.58 16.47 -8.23
C LEU B 167 7.52 16.83 -9.72
N ALA B 168 8.67 17.19 -10.30
CA ALA B 168 8.73 17.58 -11.71
C ALA B 168 8.57 16.37 -12.63
N GLN B 169 9.20 15.24 -12.29
CA GLN B 169 9.00 14.07 -13.15
C GLN B 169 7.58 13.57 -13.01
N LEU B 170 7.01 13.67 -11.81
CA LEU B 170 5.62 13.30 -11.63
C LEU B 170 4.71 14.22 -12.42
N ALA B 171 4.96 15.54 -12.39
CA ALA B 171 4.12 16.48 -13.13
C ALA B 171 4.14 16.16 -14.62
N GLU B 172 5.32 15.85 -15.15
CA GLU B 172 5.44 15.51 -16.57
C GLU B 172 4.77 14.18 -16.91
N ILE B 173 4.74 13.22 -15.98
CA ILE B 173 4.02 11.97 -16.22
C ILE B 173 2.52 12.21 -16.12
N ILE B 174 2.14 13.10 -15.20
CA ILE B 174 0.75 13.34 -14.89
C ILE B 174 0.09 14.11 -16.02
N LYS B 175 0.87 14.95 -16.71
CA LYS B 175 0.37 15.64 -17.88
C LYS B 175 -0.06 14.66 -18.98
N VAL B 176 0.58 13.49 -19.09
CA VAL B 176 0.16 12.50 -20.07
C VAL B 176 -0.99 11.65 -19.56
N ILE B 177 -0.82 11.01 -18.39
CA ILE B 177 -1.73 9.91 -18.05
C ILE B 177 -2.87 10.34 -17.13
N ASP B 178 -2.85 11.57 -16.59
CA ASP B 178 -3.98 12.08 -15.81
C ASP B 178 -3.96 13.60 -15.70
N HIS B 179 -4.01 14.28 -16.85
CA HIS B 179 -3.81 15.73 -16.89
C HIS B 179 -4.76 16.49 -15.98
N LEU B 180 -5.92 15.89 -15.65
CA LEU B 180 -6.95 16.61 -14.94
C LEU B 180 -6.46 17.23 -13.62
N ILE B 181 -5.40 16.72 -13.01
CA ILE B 181 -4.89 17.49 -11.88
C ILE B 181 -3.37 17.62 -11.89
N LYS B 182 -2.82 17.74 -13.09
CA LYS B 182 -1.53 18.41 -13.19
C LYS B 182 -1.56 19.73 -12.42
N PRO B 183 -2.66 20.49 -12.37
CA PRO B 183 -2.70 21.65 -11.46
C PRO B 183 -2.29 21.34 -10.02
N HIS B 184 -2.90 20.34 -9.36
CA HIS B 184 -2.59 20.07 -7.96
C HIS B 184 -1.11 19.79 -7.79
N VAL B 185 -0.57 18.90 -8.62
CA VAL B 185 0.86 18.61 -8.61
C VAL B 185 1.63 19.92 -8.67
N ASP B 186 1.29 20.76 -9.65
CA ASP B 186 1.94 22.05 -9.80
C ASP B 186 1.87 22.83 -8.49
N GLU B 187 0.67 22.91 -7.90
CA GLU B 187 0.54 23.65 -6.66
C GLU B 187 1.40 23.02 -5.58
N LEU B 188 1.40 21.69 -5.52
CA LEU B 188 2.26 21.00 -4.57
C LEU B 188 3.71 21.47 -4.72
N THR B 189 4.21 21.57 -5.95
CA THR B 189 5.62 21.92 -6.06
C THR B 189 5.87 23.37 -5.65
N HIS B 190 4.87 24.25 -5.76
CA HIS B 190 5.08 25.59 -5.20
C HIS B 190 5.08 25.54 -3.69
N LEU B 191 4.25 24.69 -3.12
CA LEU B 191 4.20 24.60 -1.67
C LEU B 191 5.53 24.13 -1.11
N LEU B 192 6.26 23.30 -1.86
CA LEU B 192 7.47 22.66 -1.36
C LEU B 192 8.75 23.22 -1.96
N ALA B 193 8.65 24.30 -2.74
CA ALA B 193 9.85 24.83 -3.40
C ALA B 193 10.89 25.29 -2.39
N SER B 194 10.45 25.69 -1.19
CA SER B 194 11.34 26.04 -0.10
C SER B 194 12.16 24.86 0.41
N ILE B 195 11.90 23.64 -0.04
CA ILE B 195 12.63 22.48 0.48
C ILE B 195 13.76 22.12 -0.49
N ASP B 196 14.86 22.88 -0.41
CA ASP B 196 15.95 22.87 -1.38
C ASP B 196 17.31 22.55 -0.77
N GLY B 197 17.35 21.93 0.39
CA GLY B 197 18.61 21.62 1.04
C GLY B 197 19.47 20.68 0.22
N GLN B 198 20.72 20.53 0.68
CA GLN B 198 21.67 19.57 0.13
C GLN B 198 21.97 18.44 1.11
N SER B 199 21.41 18.50 2.31
CA SER B 199 21.45 17.41 3.27
C SER B 199 20.05 17.26 3.83
N ALA B 200 19.81 16.10 4.46
CA ALA B 200 18.54 15.89 5.14
C ALA B 200 18.32 16.94 6.22
N VAL B 201 19.38 17.37 6.89
CA VAL B 201 19.22 18.26 8.04
C VAL B 201 18.92 19.70 7.60
N ILE B 202 19.48 20.14 6.47
CA ILE B 202 19.23 21.51 6.02
C ILE B 202 17.81 21.64 5.47
N SER B 203 17.40 20.70 4.61
CA SER B 203 16.03 20.77 4.12
C SER B 203 15.02 20.43 5.21
N SER B 204 15.43 19.74 6.27
CA SER B 204 14.50 19.53 7.39
C SER B 204 14.34 20.80 8.21
N ALA B 205 15.44 21.54 8.44
CA ALA B 205 15.28 22.85 9.08
C ALA B 205 14.45 23.79 8.20
N LYS B 206 14.56 23.68 6.88
CA LYS B 206 13.74 24.54 6.04
C LYS B 206 12.31 24.03 5.93
N TRP B 207 12.06 22.78 6.35
CA TRP B 207 10.70 22.29 6.49
C TRP B 207 10.05 22.84 7.76
N GLY B 208 10.83 22.94 8.84
CA GLY B 208 10.40 23.55 10.08
C GLY B 208 10.18 25.04 10.00
N GLU B 209 10.47 25.63 8.83
CA GLU B 209 10.23 27.03 8.56
C GLU B 209 8.86 27.29 7.98
N MSE B 210 8.24 26.27 7.36
CA MSE B 210 6.89 26.44 6.87
C MSE B 210 5.92 26.44 8.03
O MSE B 210 6.24 26.06 9.15
CB MSE B 210 6.51 25.32 5.90
CG MSE B 210 7.60 24.91 4.94
SE MSE B 210 7.01 23.31 4.01
CE MSE B 210 7.20 23.84 2.21
N GLU B 211 4.70 26.88 7.74
CA GLU B 211 3.63 26.89 8.72
C GLU B 211 2.94 25.53 8.77
N THR B 212 2.53 25.13 9.97
CA THR B 212 1.92 23.81 10.14
C THR B 212 0.76 23.58 9.19
N ALA B 213 0.01 24.63 8.87
CA ALA B 213 -1.06 24.50 7.88
C ALA B 213 -0.50 24.13 6.52
N GLN B 214 0.65 24.70 6.14
CA GLN B 214 1.22 24.39 4.84
C GLN B 214 1.76 22.96 4.81
N GLN B 215 2.41 22.54 5.90
CA GLN B 215 2.90 21.16 6.00
C GLN B 215 1.76 20.17 5.88
N GLU B 216 0.68 20.41 6.62
CA GLU B 216 -0.46 19.52 6.58
C GLU B 216 -1.12 19.51 5.21
N LYS B 217 -1.24 20.69 4.56
CA LYS B 217 -1.75 20.74 3.19
C LYS B 217 -0.91 19.88 2.26
N ALA B 218 0.42 19.97 2.37
CA ALA B 218 1.29 19.20 1.49
C ALA B 218 1.10 17.69 1.71
N ILE B 219 1.11 17.27 2.97
CA ILE B 219 0.96 15.86 3.31
C ILE B 219 -0.38 15.33 2.81
N SER B 220 -1.46 16.05 3.08
N SER B 220 -1.46 16.06 3.10
CA SER B 220 -2.78 15.61 2.65
CA SER B 220 -2.78 15.64 2.65
C SER B 220 -2.93 15.66 1.13
C SER B 220 -2.91 15.65 1.13
N GLY B 221 -2.23 16.59 0.46
CA GLY B 221 -2.31 16.64 -0.99
C GLY B 221 -1.64 15.43 -1.61
N VAL B 222 -0.57 14.96 -0.97
CA VAL B 222 0.07 13.75 -1.47
C VAL B 222 -0.80 12.54 -1.21
N THR B 223 -1.40 12.46 -0.03
CA THR B 223 -2.28 11.32 0.20
C THR B 223 -3.43 11.29 -0.80
N ARG B 224 -4.04 12.45 -1.04
CA ARG B 224 -5.15 12.54 -2.00
C ARG B 224 -4.69 12.08 -3.37
N LEU B 225 -3.49 12.50 -3.77
CA LEU B 225 -2.94 12.14 -5.08
C LEU B 225 -2.74 10.63 -5.19
N LYS B 226 -2.15 10.06 -4.13
CA LYS B 226 -1.85 8.64 -4.09
C LYS B 226 -3.13 7.82 -4.18
N LEU B 227 -4.19 8.25 -3.49
CA LEU B 227 -5.45 7.51 -3.57
C LEU B 227 -6.14 7.70 -4.92
N ARG B 228 -6.15 8.92 -5.46
CA ARG B 228 -6.77 9.05 -6.77
C ARG B 228 -6.08 8.13 -7.76
N LEU B 229 -4.74 8.09 -7.70
CA LEU B 229 -3.95 7.33 -8.68
C LEU B 229 -4.12 5.83 -8.49
N ALA B 230 -4.07 5.36 -7.24
CA ALA B 230 -4.30 3.95 -6.98
C ALA B 230 -5.69 3.54 -7.41
N SER B 231 -6.66 4.44 -7.27
CA SER B 231 -8.01 4.02 -7.63
C SER B 231 -8.19 4.05 -9.14
N LEU B 232 -7.50 4.95 -9.84
CA LEU B 232 -7.65 5.00 -11.30
C LEU B 232 -6.71 4.07 -12.02
N ALA B 233 -5.75 3.46 -11.31
CA ALA B 233 -4.75 2.56 -11.86
C ALA B 233 -5.18 1.75 -13.08
N PRO B 234 -6.32 1.03 -13.03
CA PRO B 234 -6.71 0.26 -14.22
C PRO B 234 -6.83 1.06 -15.48
N VAL B 235 -7.07 2.36 -15.39
CA VAL B 235 -7.42 3.01 -16.63
C VAL B 235 -6.14 3.77 -17.02
N LEU B 236 -5.34 4.15 -16.01
CA LEU B 236 -4.12 4.93 -16.23
C LEU B 236 -3.00 4.11 -16.87
N LYS B 237 -2.95 2.80 -16.59
CA LYS B 237 -2.01 1.94 -17.28
C LYS B 237 -2.25 1.96 -18.79
N LYS B 238 -3.50 2.17 -19.21
CA LYS B 238 -3.90 2.09 -20.61
C LYS B 238 -3.62 3.37 -21.40
N HIS B 239 -2.91 4.36 -20.87
CA HIS B 239 -2.54 5.54 -21.65
C HIS B 239 -1.03 5.52 -21.91
N VAL B 240 -0.64 5.66 -23.18
CA VAL B 240 0.75 5.75 -23.64
C VAL B 240 1.53 4.45 -23.41
N ASN B 241 1.97 4.21 -22.18
CA ASN B 241 2.69 3.00 -21.80
C ASN B 241 2.27 2.62 -20.39
N SER B 242 2.10 1.31 -20.14
CA SER B 242 1.85 0.82 -18.78
C SER B 242 2.92 1.27 -17.78
N ASP B 243 4.14 1.58 -18.26
CA ASP B 243 5.22 1.89 -17.34
C ASP B 243 5.16 3.31 -16.78
N LEU B 244 4.49 4.25 -17.46
CA LEU B 244 4.42 5.58 -16.88
C LEU B 244 3.58 5.56 -15.61
N PHE B 245 2.67 4.58 -15.48
CA PHE B 245 1.93 4.58 -14.24
C PHE B 245 2.77 4.10 -13.04
N ARG B 246 3.62 3.06 -13.14
CA ARG B 246 4.35 2.78 -11.89
C ARG B 246 5.21 3.98 -11.62
N LYS B 247 5.79 4.56 -12.67
CA LYS B 247 6.78 5.61 -12.45
C LYS B 247 6.15 6.77 -11.70
N ALA B 248 4.92 7.12 -12.06
CA ALA B 248 4.14 8.06 -11.26
C ALA B 248 3.95 7.55 -9.84
N SER B 249 3.70 6.25 -9.67
CA SER B 249 3.48 5.76 -8.30
C SER B 249 4.78 5.75 -7.48
N ASP B 250 5.90 5.36 -8.09
CA ASP B 250 7.21 5.45 -7.46
C ASP B 250 7.47 6.87 -7.00
N ARG B 251 7.27 7.83 -7.90
CA ARG B 251 7.51 9.22 -7.55
C ARG B 251 6.62 9.66 -6.40
N ILE B 252 5.35 9.26 -6.40
CA ILE B 252 4.46 9.70 -5.34
C ILE B 252 4.87 9.06 -4.02
N GLU B 253 5.31 7.80 -4.06
CA GLU B 253 5.74 7.16 -2.81
C GLU B 253 6.95 7.85 -2.24
N SER B 254 7.92 8.15 -3.11
CA SER B 254 9.10 8.92 -2.70
C SER B 254 8.70 10.24 -2.05
N ILE B 255 7.76 10.96 -2.67
CA ILE B 255 7.43 12.29 -2.14
C ILE B 255 6.77 12.14 -0.77
N GLU B 256 5.85 11.18 -0.64
CA GLU B 256 5.15 10.94 0.61
C GLU B 256 6.12 10.62 1.73
N TYR B 257 7.02 9.66 1.50
CA TYR B 257 7.97 9.32 2.55
C TYR B 257 9.00 10.43 2.76
N THR B 258 9.24 11.25 1.72
CA THR B 258 10.14 12.40 1.87
C THR B 258 9.59 13.38 2.89
N LEU B 259 8.32 13.76 2.72
CA LEU B 259 7.71 14.71 3.65
C LEU B 259 7.49 14.09 5.02
N GLU B 260 7.26 12.77 5.10
CA GLU B 260 7.08 12.22 6.43
C GLU B 260 8.42 12.10 7.16
N THR B 261 9.51 11.91 6.42
CA THR B 261 10.84 11.93 7.03
C THR B 261 11.21 13.34 7.49
N LEU B 262 10.86 14.34 6.69
CA LEU B 262 11.13 15.72 7.10
C LEU B 262 10.39 16.06 8.38
N ARG B 263 9.09 15.70 8.45
CA ARG B 263 8.32 15.88 9.67
C ARG B 263 9.00 15.20 10.85
N ILE B 264 9.32 13.91 10.68
CA ILE B 264 9.87 13.12 11.78
C ILE B 264 11.17 13.73 12.29
N MSE B 265 12.03 14.19 11.40
CA MSE B 265 13.25 14.78 11.94
C MSE B 265 13.05 16.13 12.61
O MSE B 265 13.74 16.42 13.58
CB MSE B 265 14.35 14.94 10.92
CG MSE B 265 14.66 13.79 10.04
SE MSE B 265 15.37 14.58 8.42
CE MSE B 265 17.19 14.88 8.96
N ARG B 266 12.17 17.00 12.11
CA ARG B 266 11.97 18.22 12.86
C ARG B 266 11.40 17.90 14.25
N THR B 267 10.60 16.83 14.36
CA THR B 267 10.11 16.46 15.67
C THR B 267 11.19 15.82 16.53
N PHE B 268 12.20 15.22 15.89
CA PHE B 268 13.35 14.70 16.62
C PHE B 268 14.19 15.82 17.19
N PHE B 269 14.50 16.83 16.37
CA PHE B 269 15.19 18.03 16.82
C PHE B 269 14.19 19.05 17.36
N ASP B 270 13.04 18.55 17.84
CA ASP B 270 12.08 19.34 18.58
C ASP B 270 11.73 18.71 19.93
N GLY B 271 12.26 17.53 20.25
CA GLY B 271 11.96 16.84 21.49
C GLY B 271 10.63 16.10 21.54
N THR B 272 9.82 16.19 20.50
CA THR B 272 8.57 15.44 20.35
C THR B 272 8.73 14.12 19.58
N SER B 273 9.93 13.56 19.55
CA SER B 273 10.25 12.37 18.76
C SER B 273 9.76 11.10 19.46
N LEU B 274 8.64 10.56 19.00
CA LEU B 274 8.18 9.27 19.52
C LEU B 274 9.16 8.14 19.19
N GLU B 275 9.33 7.25 20.16
N GLU B 275 9.33 7.25 20.15
CA GLU B 275 10.27 6.13 20.00
CA GLU B 275 10.26 6.14 19.98
C GLU B 275 9.85 5.26 18.81
C GLU B 275 9.85 5.26 18.82
N GLY B 276 10.80 4.96 17.94
CA GLY B 276 10.57 4.10 16.79
C GLY B 276 10.33 4.82 15.47
N ASP B 277 10.00 6.11 15.51
CA ASP B 277 9.64 6.85 14.28
C ASP B 277 10.71 6.75 13.18
N THR B 278 11.99 6.70 13.56
CA THR B 278 13.05 6.69 12.53
C THR B 278 12.98 5.46 11.65
N SER B 279 12.12 4.48 11.98
CA SER B 279 11.96 3.30 11.14
C SER B 279 11.35 3.66 9.79
N VAL B 280 10.68 4.82 9.70
CA VAL B 280 9.90 5.11 8.50
C VAL B 280 10.78 5.08 7.25
N ARG B 281 11.92 5.81 7.28
CA ARG B 281 12.78 5.84 6.10
C ARG B 281 13.20 4.44 5.67
N ASP B 282 13.56 3.60 6.64
CA ASP B 282 14.04 2.26 6.27
C ASP B 282 12.92 1.46 5.63
N SER B 283 11.68 1.62 6.10
CA SER B 283 10.58 0.88 5.50
C SER B 283 10.42 1.29 4.06
N TYR B 284 10.52 2.59 3.76
CA TYR B 284 10.54 2.98 2.36
C TYR B 284 11.60 2.18 1.61
N MSE B 285 12.84 2.18 2.11
CA MSE B 285 13.90 1.51 1.36
C MSE B 285 13.61 0.03 1.21
O MSE B 285 13.78 -0.57 0.13
CB MSE B 285 15.26 1.72 2.02
CG MSE B 285 15.75 3.14 2.00
SE MSE B 285 17.54 3.28 2.82
CE MSE B 285 16.94 3.89 4.55
N ALA B 286 13.08 -0.58 2.27
CA ALA B 286 12.71 -1.99 2.13
C ALA B 286 11.69 -2.15 1.02
N GLY B 287 10.61 -1.37 1.07
CA GLY B 287 9.61 -1.48 0.03
C GLY B 287 10.21 -1.32 -1.34
N VAL B 288 11.07 -0.30 -1.50
CA VAL B 288 11.57 0.00 -2.83
C VAL B 288 12.39 -1.17 -3.30
N VAL B 289 13.08 -1.83 -2.37
CA VAL B 289 13.93 -2.97 -2.68
C VAL B 289 13.07 -4.20 -2.94
N ASP B 290 12.12 -4.48 -2.04
CA ASP B 290 11.26 -5.64 -2.21
C ASP B 290 10.55 -5.57 -3.54
N ARG B 291 9.91 -4.43 -3.82
CA ARG B 291 9.14 -4.29 -5.05
C ARG B 291 9.98 -4.51 -6.28
N MSE B 292 11.26 -4.15 -6.23
CA MSE B 292 12.00 -4.23 -7.48
C MSE B 292 12.55 -5.64 -7.66
O MSE B 292 12.80 -6.07 -8.78
CB MSE B 292 13.09 -3.17 -7.53
CG MSE B 292 14.27 -3.45 -6.65
SE MSE B 292 15.90 -3.18 -7.68
CE MSE B 292 15.81 -4.76 -8.83
N VAL B 293 12.71 -6.38 -6.55
CA VAL B 293 13.17 -7.75 -6.67
C VAL B 293 12.01 -8.69 -7.00
N ARG B 294 10.83 -8.42 -6.43
CA ARG B 294 9.63 -9.13 -6.88
C ARG B 294 9.32 -8.85 -8.33
N ALA B 295 9.63 -7.63 -8.81
CA ALA B 295 9.31 -7.24 -10.19
C ALA B 295 10.25 -7.89 -11.20
N ASN B 296 11.54 -8.01 -10.88
CA ASN B 296 12.55 -8.59 -11.75
C ASN B 296 13.16 -9.82 -11.10
N PRO B 297 12.61 -11.02 -11.33
CA PRO B 297 13.13 -12.21 -10.64
C PRO B 297 14.55 -12.58 -11.04
N ASP B 298 15.13 -11.87 -11.99
CA ASP B 298 16.48 -12.16 -12.44
C ASP B 298 17.54 -11.24 -11.83
N VAL B 299 17.16 -10.33 -10.94
CA VAL B 299 18.09 -9.33 -10.43
C VAL B 299 18.76 -9.83 -9.17
N LYS B 300 20.09 -9.80 -9.17
CA LYS B 300 20.89 -9.99 -7.96
C LYS B 300 21.48 -8.63 -7.60
N ILE B 301 21.09 -8.10 -6.45
CA ILE B 301 21.35 -6.72 -6.06
C ILE B 301 22.27 -6.71 -4.85
N ILE B 302 23.44 -6.08 -5.01
CA ILE B 302 24.34 -5.74 -3.90
C ILE B 302 23.87 -4.41 -3.36
N LEU B 303 23.54 -4.34 -2.08
CA LEU B 303 23.10 -3.07 -1.52
C LEU B 303 24.24 -2.44 -0.72
N LEU B 304 24.55 -1.18 -1.04
CA LEU B 304 25.57 -0.43 -0.33
C LEU B 304 24.86 0.56 0.59
N ALA B 305 24.82 0.21 1.89
CA ALA B 305 24.08 0.95 2.89
C ALA B 305 24.67 0.68 4.28
N HIS B 306 24.40 1.58 5.22
CA HIS B 306 25.00 1.52 6.54
C HIS B 306 24.61 0.23 7.26
N ASN B 307 25.47 -0.20 8.19
CA ASN B 307 25.22 -1.41 8.99
C ASN B 307 23.83 -1.39 9.63
N ASN B 308 23.40 -0.22 10.10
CA ASN B 308 22.12 -0.08 10.78
C ASN B 308 20.93 -0.21 9.85
N ASN B 309 21.10 0.12 8.57
CA ASN B 309 20.05 -0.13 7.62
C ASN B 309 20.02 -1.59 7.20
N LEU B 310 21.19 -2.23 7.03
CA LEU B 310 21.17 -3.61 6.56
C LEU B 310 20.80 -4.59 7.65
N GLN B 311 20.87 -4.14 8.89
CA GLN B 311 20.74 -5.03 10.01
C GLN B 311 19.34 -5.65 9.98
N LYS B 312 19.21 -6.81 10.63
CA LYS B 312 17.99 -7.63 10.56
C LYS B 312 17.31 -7.74 11.91
N THR B 313 17.74 -6.97 12.90
CA THR B 313 17.12 -6.90 14.21
C THR B 313 16.96 -5.42 14.54
N PRO B 314 16.06 -5.09 15.46
CA PRO B 314 15.88 -3.68 15.84
C PRO B 314 17.20 -3.02 16.18
N VAL B 315 17.34 -1.75 15.80
CA VAL B 315 18.55 -0.99 16.07
C VAL B 315 18.39 -0.36 17.44
N SER B 316 19.27 -0.74 18.37
CA SER B 316 19.20 -0.30 19.76
C SER B 316 20.60 0.07 20.19
N PHE B 317 20.75 1.26 20.76
CA PHE B 317 22.04 1.60 21.31
C PHE B 317 22.13 1.28 22.80
N SER B 318 21.02 1.39 23.53
CA SER B 318 21.01 1.20 24.99
C SER B 318 19.84 0.34 25.45
N GLY B 319 19.10 -0.28 24.54
CA GLY B 319 17.91 -1.03 24.88
C GLY B 319 16.61 -0.44 24.35
N GLU B 320 16.58 0.83 23.99
CA GLU B 320 15.39 1.40 23.37
C GLU B 320 15.26 0.94 21.92
N LEU B 321 14.05 1.03 21.38
CA LEU B 321 13.86 0.74 19.95
C LEU B 321 14.09 2.01 19.17
N THR B 322 15.27 2.13 18.54
CA THR B 322 15.54 3.31 17.73
C THR B 322 14.87 3.22 16.37
N ALA B 323 14.95 2.06 15.73
CA ALA B 323 14.38 1.85 14.42
C ALA B 323 14.33 0.36 14.13
N VAL B 324 13.30 -0.04 13.40
CA VAL B 324 13.30 -1.29 12.66
C VAL B 324 14.16 -1.02 11.43
N PRO B 325 15.24 -1.76 11.21
CA PRO B 325 16.07 -1.49 10.04
C PRO B 325 15.44 -2.12 8.80
N MSE B 326 15.96 -1.71 7.65
CA MSE B 326 15.42 -2.10 6.36
C MSE B 326 15.55 -3.59 6.22
O MSE B 326 14.71 -4.26 5.63
CB MSE B 326 16.13 -1.37 5.22
CG MSE B 326 16.03 -2.10 3.90
SE MSE B 326 17.32 -1.44 2.56
CE MSE B 326 18.97 -2.13 3.18
N GLY B 327 16.63 -4.11 6.80
CA GLY B 327 16.91 -5.53 6.70
C GLY B 327 16.01 -6.40 7.53
N GLN B 328 15.45 -5.86 8.63
CA GLN B 328 14.45 -6.62 9.37
C GLN B 328 13.20 -6.81 8.53
N HIS B 329 12.68 -5.71 7.95
CA HIS B 329 11.67 -5.81 6.90
C HIS B 329 12.11 -6.82 5.84
N LEU B 330 13.36 -6.71 5.41
CA LEU B 330 13.83 -7.55 4.31
C LEU B 330 14.00 -8.99 4.73
N ALA B 331 14.24 -9.22 6.03
CA ALA B 331 14.34 -10.59 6.52
C ALA B 331 12.97 -11.27 6.52
N GLU B 332 11.89 -10.48 6.63
CA GLU B 332 10.53 -11.01 6.55
C GLU B 332 10.15 -11.45 5.15
N ARG B 333 11.02 -11.28 4.16
CA ARG B 333 10.73 -11.77 2.82
C ARG B 333 10.60 -13.30 2.84
N GLU B 334 9.50 -13.79 2.28
CA GLU B 334 9.19 -15.22 2.39
C GLU B 334 10.25 -16.09 1.71
N GLU B 335 10.96 -15.55 0.72
CA GLU B 335 11.98 -16.30 -0.01
C GLU B 335 13.30 -16.46 0.75
N GLU B 336 13.52 -15.72 1.85
CA GLU B 336 14.71 -15.86 2.69
C GLU B 336 16.01 -15.73 1.88
N ASP B 337 15.99 -14.82 0.90
CA ASP B 337 17.11 -14.63 -0.02
C ASP B 337 17.80 -13.28 0.20
N TYR B 338 17.78 -12.79 1.45
CA TYR B 338 18.47 -11.57 1.86
C TYR B 338 19.64 -11.94 2.77
N ARG B 339 20.81 -11.32 2.51
CA ARG B 339 21.99 -11.51 3.34
C ARG B 339 22.52 -10.17 3.84
N ALA B 340 22.86 -10.12 5.13
CA ALA B 340 23.42 -8.93 5.76
C ALA B 340 24.87 -9.18 6.15
N ILE B 341 25.79 -8.45 5.47
CA ILE B 341 27.25 -8.48 5.74
C ILE B 341 27.66 -7.14 6.35
N ALA B 342 27.94 -7.14 7.66
CA ALA B 342 28.36 -5.94 8.35
C ALA B 342 29.85 -5.70 8.14
N PHE B 343 30.26 -4.43 8.21
CA PHE B 343 31.65 -4.02 8.21
C PHE B 343 31.89 -3.23 9.49
N THR B 344 32.94 -3.60 10.22
CA THR B 344 33.42 -2.88 11.41
C THR B 344 34.94 -2.83 11.34
N HIS B 345 35.54 -2.16 12.32
CA HIS B 345 36.98 -1.90 12.36
C HIS B 345 37.47 -1.95 13.79
N LEU B 346 38.79 -2.16 13.97
CA LEU B 346 39.40 -2.09 15.30
C LEU B 346 40.14 -0.78 15.57
N GLY B 347 40.05 0.20 14.70
CA GLY B 347 40.74 1.45 14.98
C GLY B 347 40.26 2.05 16.28
N SER B 348 41.07 2.97 16.78
CA SER B 348 40.78 3.70 18.00
C SER B 348 39.98 4.96 17.73
N THR B 349 40.05 5.47 16.51
CA THR B 349 39.26 6.60 16.06
C THR B 349 38.33 6.15 14.95
N VAL B 350 37.38 7.03 14.64
CA VAL B 350 36.45 6.85 13.53
C VAL B 350 35.99 8.24 13.09
N PRO B 351 35.86 8.48 11.79
CA PRO B 351 35.19 9.71 11.35
C PRO B 351 33.73 9.66 11.78
N GLU B 352 33.24 10.77 12.32
CA GLU B 352 31.84 10.84 12.66
C GLU B 352 31.35 12.27 12.48
N MSE B 353 30.03 12.36 12.40
CA MSE B 353 29.31 13.53 12.00
C MSE B 353 29.07 14.44 13.20
O MSE B 353 28.36 14.08 14.13
CB MSE B 353 28.01 13.06 11.39
CG MSE B 353 28.18 12.53 10.00
SE MSE B 353 26.45 12.11 9.23
CE MSE B 353 26.57 10.21 9.11
N GLN B 354 29.63 15.65 13.16
CA GLN B 354 29.39 16.64 14.20
C GLN B 354 28.24 17.55 13.74
N PHE B 355 27.18 17.59 14.55
CA PHE B 355 26.07 18.52 14.36
C PHE B 355 25.92 19.36 15.62
N PRO B 356 25.75 20.68 15.50
CA PRO B 356 25.65 21.35 14.20
C PRO B 356 27.00 21.68 13.62
N SER B 357 27.00 22.25 12.41
CA SER B 357 28.23 22.77 11.82
C SER B 357 27.86 23.95 10.92
N PRO B 358 27.70 25.13 11.52
CA PRO B 358 27.29 26.30 10.74
C PRO B 358 28.28 26.58 9.61
N GLY B 359 27.74 27.00 8.47
CA GLY B 359 28.56 27.35 7.33
C GLY B 359 28.94 26.17 6.44
N SER B 360 29.14 24.99 7.04
CA SER B 360 29.51 23.82 6.28
C SER B 360 28.45 23.52 5.22
N PRO B 361 28.86 23.09 4.03
CA PRO B 361 27.90 22.90 2.93
C PRO B 361 26.74 21.98 3.26
N LEU B 362 26.90 21.05 4.19
CA LEU B 362 25.87 20.04 4.42
C LEU B 362 25.21 20.17 5.79
N GLY B 363 25.57 21.19 6.56
CA GLY B 363 25.08 21.36 7.92
C GLY B 363 25.73 20.47 8.95
N PHE B 364 26.69 19.64 8.56
CA PHE B 364 27.49 18.88 9.50
C PHE B 364 28.90 18.80 8.95
N SER B 365 29.82 18.31 9.79
CA SER B 365 31.18 18.04 9.35
C SER B 365 31.60 16.69 9.89
N VAL B 366 32.61 16.10 9.25
CA VAL B 366 33.09 14.77 9.60
C VAL B 366 34.46 14.90 10.24
N VAL B 367 34.54 14.55 11.52
CA VAL B 367 35.73 14.77 12.33
C VAL B 367 36.23 13.44 12.87
N THR B 368 37.53 13.36 13.09
CA THR B 368 38.11 12.18 13.72
C THR B 368 37.74 12.17 15.21
N THR B 369 37.03 11.14 15.63
CA THR B 369 36.45 11.10 16.97
C THR B 369 36.83 9.75 17.57
N PRO B 370 36.97 9.67 18.88
CA PRO B 370 37.30 8.38 19.51
C PRO B 370 36.20 7.36 19.27
N ALA B 371 36.57 6.20 18.74
CA ALA B 371 35.60 5.13 18.58
C ALA B 371 35.12 4.64 19.96
N ASP B 372 34.02 3.91 19.94
CA ASP B 372 33.45 3.38 21.17
C ASP B 372 34.38 2.34 21.77
N ALA B 373 34.41 2.30 23.12
CA ALA B 373 35.32 1.39 23.81
C ALA B 373 34.96 -0.05 23.51
N ILE B 374 35.98 -0.87 23.30
CA ILE B 374 35.79 -2.28 22.99
C ILE B 374 35.75 -3.07 24.28
N ARG B 375 34.64 -3.76 24.54
CA ARG B 375 34.34 -4.51 25.74
C ARG B 375 34.28 -6.00 25.45
N GLU B 376 34.22 -6.77 26.51
CA GLU B 376 34.46 -8.18 26.36
C GLU B 376 33.37 -8.84 25.53
N ASP B 377 32.15 -8.28 25.58
CA ASP B 377 31.00 -8.74 24.80
C ASP B 377 30.84 -8.00 23.48
N SER B 378 31.87 -7.31 22.99
CA SER B 378 31.74 -6.57 21.75
C SER B 378 32.38 -7.37 20.63
N MSE B 379 31.67 -7.56 19.51
CA MSE B 379 32.19 -8.45 18.47
C MSE B 379 33.60 -8.15 18.00
O MSE B 379 34.29 -9.02 17.45
CB MSE B 379 31.33 -8.49 17.23
CG MSE B 379 31.23 -9.93 16.95
SE MSE B 379 30.79 -10.69 15.34
CE MSE B 379 32.52 -10.70 14.56
N GLU B 380 34.01 -6.90 18.17
CA GLU B 380 35.38 -6.53 17.87
C GLU B 380 36.36 -7.21 18.85
N GLN B 381 35.90 -7.55 20.07
CA GLN B 381 36.71 -8.33 20.98
C GLN B 381 36.88 -9.78 20.52
N TYR B 382 35.83 -10.37 19.97
CA TYR B 382 35.98 -11.68 19.36
C TYR B 382 36.86 -11.61 18.13
N ILE B 383 36.82 -10.49 17.39
CA ILE B 383 37.67 -10.33 16.21
C ILE B 383 39.13 -10.32 16.63
N ILE B 384 39.46 -9.53 17.64
CA ILE B 384 40.80 -9.54 18.21
C ILE B 384 41.17 -10.96 18.63
N ASP B 385 40.28 -11.63 19.39
CA ASP B 385 40.66 -12.93 19.95
C ASP B 385 40.60 -14.06 18.94
N ALA B 386 40.20 -13.79 17.70
CA ALA B 386 40.20 -14.82 16.69
C ALA B 386 41.16 -14.55 15.58
N CYS B 387 41.38 -13.29 15.31
CA CYS B 387 41.94 -13.00 14.02
C CYS B 387 43.18 -12.10 14.09
N GLY B 388 43.39 -11.40 15.19
CA GLY B 388 44.50 -10.51 15.37
C GLY B 388 44.08 -9.05 15.34
N THR B 389 45.08 -8.17 15.23
CA THR B 389 44.88 -6.73 15.27
C THR B 389 45.38 -6.06 13.99
N GLU B 390 45.97 -6.84 13.07
CA GLU B 390 46.73 -6.28 11.96
C GLU B 390 46.42 -6.93 10.61
N ASP B 391 45.46 -7.83 10.54
CA ASP B 391 44.95 -8.31 9.26
C ASP B 391 43.44 -8.24 9.32
N SER B 392 42.85 -7.55 8.35
CA SER B 392 41.40 -7.56 8.20
C SER B 392 40.88 -8.99 8.15
N CYS B 393 39.70 -9.20 8.72
CA CYS B 393 39.15 -10.53 8.97
C CYS B 393 37.72 -10.67 8.48
N LEU B 394 37.28 -11.93 8.37
CA LEU B 394 35.97 -12.26 7.83
C LEU B 394 35.39 -13.43 8.63
N THR B 395 34.19 -13.25 9.18
CA THR B 395 33.61 -14.31 9.99
C THR B 395 32.12 -14.46 9.75
N LEU B 396 31.61 -15.66 9.97
CA LEU B 396 30.18 -15.94 9.95
C LEU B 396 29.64 -15.86 11.37
N THR B 397 28.34 -15.55 11.49
CA THR B 397 27.68 -15.41 12.79
C THR B 397 26.87 -16.65 13.19
N ASP B 398 26.99 -17.76 12.47
CA ASP B 398 26.09 -18.89 12.67
C ASP B 398 26.15 -19.49 14.07
N ALA B 399 27.20 -19.22 14.85
CA ALA B 399 27.09 -19.80 16.19
C ALA B 399 26.63 -18.76 17.20
N PRO B 400 25.72 -19.11 18.12
CA PRO B 400 25.41 -18.19 19.23
C PRO B 400 26.63 -17.96 20.11
N MSE B 401 26.94 -16.68 20.34
CA MSE B 401 28.20 -16.29 20.95
C MSE B 401 28.03 -15.43 22.19
O MSE B 401 26.95 -15.31 22.75
CB MSE B 401 29.03 -15.52 19.93
CG MSE B 401 28.35 -14.22 19.50
SE MSE B 401 28.85 -13.60 17.72
CE MSE B 401 27.44 -14.46 16.68
N LYS B 402 29.12 -14.79 22.60
CA LYS B 402 29.12 -13.89 23.74
C LYS B 402 29.00 -12.43 23.34
N ALA B 403 29.34 -12.10 22.09
CA ALA B 403 29.25 -10.73 21.61
C ALA B 403 27.80 -10.31 21.47
N LYS B 404 27.34 -9.41 22.34
CA LYS B 404 26.03 -8.79 22.24
C LYS B 404 26.09 -7.42 21.57
N ARG B 405 27.30 -6.95 21.22
CA ARG B 405 27.61 -5.56 20.95
C ARG B 405 28.46 -5.45 19.69
N MSE B 406 28.42 -4.26 19.08
CA MSE B 406 29.09 -3.91 17.82
C MSE B 406 29.14 -2.42 17.59
O MSE B 406 28.15 -1.74 17.79
CB MSE B 406 28.41 -4.56 16.63
CG MSE B 406 29.09 -4.13 15.30
SE MSE B 406 29.39 -5.41 13.85
CE MSE B 406 27.54 -5.23 13.13
N ARG B 407 30.28 -1.92 17.13
CA ARG B 407 30.43 -0.49 16.92
C ARG B 407 29.58 -0.02 15.75
N SER B 408 29.00 1.16 15.92
CA SER B 408 28.28 1.79 14.84
C SER B 408 28.56 3.26 15.03
N GLN B 409 28.95 3.93 13.96
CA GLN B 409 29.47 5.29 14.05
C GLN B 409 30.55 5.30 15.14
N SER B 410 30.47 6.20 16.13
CA SER B 410 31.36 6.15 17.27
C SER B 410 30.72 5.49 18.47
N ALA B 411 29.43 5.12 18.37
CA ALA B 411 28.73 4.40 19.43
C ALA B 411 28.66 2.89 19.18
N SER B 412 27.64 2.24 19.73
CA SER B 412 27.50 0.80 19.49
C SER B 412 26.03 0.41 19.47
N VAL B 413 25.76 -0.65 18.73
CA VAL B 413 24.46 -1.30 18.76
C VAL B 413 24.62 -2.59 19.55
N GLU B 414 23.56 -2.96 20.27
CA GLU B 414 23.53 -4.20 21.03
C GLU B 414 22.35 -5.01 20.55
N THR B 415 22.57 -6.28 20.26
CA THR B 415 21.57 -7.06 19.57
C THR B 415 22.08 -8.50 19.53
N ASN B 416 21.18 -9.43 19.24
CA ASN B 416 21.61 -10.78 18.88
C ASN B 416 22.25 -10.72 17.50
N LEU B 417 23.58 -10.85 17.47
CA LEU B 417 24.35 -10.72 16.25
C LEU B 417 24.31 -11.97 15.36
N SER B 418 23.81 -13.08 15.87
CA SER B 418 23.66 -14.20 14.95
C SER B 418 22.42 -14.05 14.10
N GLU B 419 21.47 -13.23 14.55
CA GLU B 419 20.26 -12.94 13.79
C GLU B 419 20.25 -11.54 13.20
N ALA B 420 21.20 -10.68 13.56
CA ALA B 420 21.27 -9.34 13.01
C ALA B 420 22.01 -9.32 11.68
N PHE B 421 23.00 -10.20 11.51
CA PHE B 421 23.82 -10.21 10.32
C PHE B 421 24.21 -11.64 9.98
N ASP B 422 24.40 -11.90 8.69
CA ASP B 422 24.97 -13.18 8.28
C ASP B 422 26.49 -13.19 8.47
N ALA B 423 27.17 -12.14 8.00
CA ALA B 423 28.64 -12.14 8.07
C ALA B 423 29.15 -10.82 8.63
N ILE B 424 30.44 -10.84 8.99
CA ILE B 424 31.14 -9.67 9.53
C ILE B 424 32.49 -9.56 8.85
N VAL B 425 32.73 -8.42 8.19
CA VAL B 425 34.04 -8.01 7.72
C VAL B 425 34.60 -7.00 8.71
N CYS B 426 35.90 -7.12 9.05
CA CYS B 426 36.56 -6.24 10.00
C CYS B 426 37.87 -5.75 9.42
N VAL B 427 38.17 -4.47 9.61
CA VAL B 427 39.42 -3.88 9.13
C VAL B 427 40.13 -3.31 10.34
N PRO B 428 41.46 -3.17 10.28
CA PRO B 428 42.19 -2.73 11.49
C PRO B 428 41.87 -1.31 11.91
N SER B 429 41.39 -0.46 11.02
CA SER B 429 41.34 0.96 11.29
C SER B 429 40.32 1.63 10.40
N ALA B 430 39.84 2.79 10.86
CA ALA B 430 38.86 3.57 10.12
C ALA B 430 39.46 4.96 9.90
N GLY B 431 40.08 5.14 8.74
CA GLY B 431 40.48 6.46 8.34
C GLY B 431 39.39 7.09 7.48
N LYS B 432 39.30 8.40 7.61
CA LYS B 432 38.33 9.19 6.86
C LYS B 432 38.69 9.15 5.39
N ASP B 433 37.71 8.96 4.53
CA ASP B 433 38.04 8.75 3.12
C ASP B 433 38.51 10.03 2.46
N GLY B 434 39.39 9.87 1.47
CA GLY B 434 40.07 11.02 0.90
C GLY B 434 39.10 12.06 0.39
N LEU B 435 38.18 11.66 -0.48
CA LEU B 435 37.38 12.65 -1.18
C LEU B 435 36.24 13.22 -0.37
N VAL B 436 36.12 12.92 0.91
CA VAL B 436 35.12 13.59 1.73
C VAL B 436 35.77 14.82 2.34
N ASP B 437 35.07 15.95 2.27
CA ASP B 437 35.56 17.27 2.64
C ASP B 437 34.37 18.07 3.19
N LEU B 438 33.96 17.76 4.42
CA LEU B 438 32.80 18.43 5.02
C LEU B 438 33.07 18.84 6.46
#